data_8T4F
#
_entry.id   8T4F
#
_cell.length_a   1.00
_cell.length_b   1.00
_cell.length_c   1.00
_cell.angle_alpha   90.00
_cell.angle_beta   90.00
_cell.angle_gamma   90.00
#
_symmetry.space_group_name_H-M   'P 1'
#
loop_
_entity.id
_entity.type
_entity.pdbx_description
1 polymer 'Antigen peptide transporter 1'
2 polymer 'Antigen peptide transporter 2'
3 polymer 'Histone H3.3C peptide'
#
loop_
_entity_poly.entity_id
_entity_poly.type
_entity_poly.pdbx_seq_one_letter_code
_entity_poly.pdbx_strand_id
1 'polypeptide(L)'
;MASSRCPAPRGCRCLPGASLAWLGTVLLLLADWVLLRTALPRIFSLLVPTALPLLRVWAVGLSRWAVLWLGACGVLRATV
GSKSENAGAQGWLAALKPLAAALGLALPGLALFRELISWGAPGSADSTRLLHWGSHPTAFVVSYAAALPAAALWHKLGSL
WVPGGQGGSGNPVRRLLGCLGSETRRLSLFLVLVVLSSLGEMAIPFFTGRLTDWILQDGSADTFTRNLTLMSILTIASAV
LEFVGDGIYNNTMGHVHSHLQGEVFGAVLRQETEFFQQNQTGNIMSRVTEDTSTLSDSLSENLSLFLWYLVRGLCLLGIM
LWGSVSLTMVTLITLPLLFLLPKKVGKWYQLLEVQVRESLAKSSQVAIEALSAMPTVRSFANEEGEAQKFREKLQEIKTL
NQKEAVAYAVNSWTTSISGMLLKVGILYIGGQLVTSGAVSSGNLVTFVLYQMQFTQAVEVLLSIYPRVQKAVGSSEKIFE
YLDRTPRCPPSGLLTPLHLEGLVQFQDVSFAYPNRPDVLVLQGLTFTLRPGEVTALVGPNGSGKSTVAALLQNLYQPTGG
QLLLDGKPLPQYEHRYLHRQVAAVGQEPQVFGRSLQENIAYGLTQKPTMEEITAAAVKSGAHSFISGLPQGYDTEVDEAG
SQLSGGQRQAVALARALIRKPCVLILDDATSALDANSQLQVEQLLYESPERYSRSVLLITQHLSLVEQADHILFLEGGAI
REGGTHQQLMEKKGCYWAMVQAPADAPE
;
A
2 'polypeptide(L)'
;MRLPDLRPWTSLLLVDAALLWLLQGPLGTLLPQGLPGLWLEGTLRLGGLWGLLKLRGLLGFVGTLLLPLCLATPLTVSLR
ALVAGASRAPPARVASAPWSWLLVGYGAAGLSWSLWAVLSPPGAQEKEQDQVNNKVLMWRLLKLSRPDLPLLVAAFFFLV
LAVLGETLIPHYSGRVIDILGGDFDPHAFASAIFFMCLFSFGSSLSAGCRGGCFTYTMSRINLRIREQLFSSLLRQDLGF
FQETKTGELNSRLSSDTTLMSNWLPLNANVLLRSLVKVVGLYGFMLSISPRLTLLSLLHMPFTIAAEKVYNTRHQEVLRE
IQDAVARAGQVVREAVGGLQTVRSFGAEEHEVCRYKEALEQCRQLYWRRDLERALYLLVRRVLHLGVQMLMLSCGLQQMQ
DGELTQGSLLSFMIYQESVGSYVQTLVYIYGDMLSNVGAAEKVFSYMDRQPNLPSPGTLAPTTLQGVVKFQDVSFAYPNR
PDRPVLKGLTFTLRPGEVTALVGPNGSGKSTVAALLQNLYQPTGGQVLLDEKPISQYEHCYLHSQVVSVGQEPVLFSGSV
RNNIAYGLQSCEDDKVMAAAQAAHADDFIQEMEHGIYTDVGEKGSQLAAGQKQRLAIARALVRDPRVLILDEATSALDVQ
CEQALQDWNSRGDRTVLVIAHRLQTVQRAHQILVLQEGKLQKLAQL
;
B
3 'polypeptide(L)' RRYQKSTEL C
#
# COMPACT_ATOMS: atom_id res chain seq x y z
N LEU A 180 -22.98 15.44 10.94
CA LEU A 180 -23.66 14.28 11.51
C LEU A 180 -25.04 14.67 12.03
N GLY A 181 -25.22 15.96 12.29
CA GLY A 181 -26.49 16.46 12.82
C GLY A 181 -27.66 16.28 11.87
N SER A 182 -27.43 16.39 10.57
CA SER A 182 -28.51 16.29 9.59
C SER A 182 -29.22 14.95 9.64
N GLU A 183 -28.56 13.91 10.15
CA GLU A 183 -29.15 12.59 10.31
C GLU A 183 -29.49 12.32 11.77
N THR A 184 -29.93 13.36 12.49
CA THR A 184 -30.23 13.20 13.91
C THR A 184 -31.52 12.42 14.14
N ARG A 185 -32.43 12.42 13.16
CA ARG A 185 -33.67 11.67 13.33
C ARG A 185 -33.45 10.18 13.13
N ARG A 186 -32.91 9.79 11.97
CA ARG A 186 -32.76 8.37 11.65
C ARG A 186 -32.00 7.63 12.76
N LEU A 187 -30.86 8.19 13.19
CA LEU A 187 -30.09 7.55 14.24
C LEU A 187 -30.92 7.35 15.51
N SER A 188 -31.72 8.37 15.86
CA SER A 188 -32.60 8.23 17.02
C SER A 188 -33.51 7.02 16.86
N LEU A 189 -34.10 6.87 15.67
CA LEU A 189 -34.92 5.69 15.40
C LEU A 189 -34.12 4.43 15.65
N PHE A 190 -32.90 4.37 15.13
CA PHE A 190 -32.03 3.23 15.41
C PHE A 190 -31.85 3.04 16.90
N LEU A 191 -31.58 4.13 17.62
CA LEU A 191 -31.33 4.03 19.05
C LEU A 191 -32.57 3.52 19.80
N VAL A 192 -33.74 3.56 19.18
CA VAL A 192 -34.90 2.93 19.79
C VAL A 192 -34.91 1.44 19.48
N LEU A 193 -34.76 1.09 18.20
CA LEU A 193 -34.97 -0.30 17.78
C LEU A 193 -34.03 -1.25 18.52
N VAL A 194 -32.75 -0.88 18.61
CA VAL A 194 -31.79 -1.74 19.29
C VAL A 194 -32.28 -2.03 20.71
N VAL A 195 -32.74 -1.00 21.43
CA VAL A 195 -33.21 -1.21 22.80
C VAL A 195 -34.31 -2.26 22.80
N LEU A 196 -35.29 -2.13 21.91
CA LEU A 196 -36.36 -3.10 21.85
C LEU A 196 -35.81 -4.49 21.56
N SER A 197 -34.88 -4.59 20.61
CA SER A 197 -34.28 -5.88 20.34
C SER A 197 -33.56 -6.42 21.56
N SER A 198 -32.88 -5.54 22.31
CA SER A 198 -32.15 -6.00 23.49
C SER A 198 -33.11 -6.51 24.56
N LEU A 199 -34.39 -6.15 24.47
CA LEU A 199 -35.36 -6.68 25.42
C LEU A 199 -36.02 -7.93 24.87
N GLY A 200 -35.97 -8.14 23.55
CA GLY A 200 -36.65 -9.27 22.96
C GLY A 200 -35.84 -10.55 23.03
N GLU A 201 -34.51 -10.43 23.07
CA GLU A 201 -33.66 -11.62 23.08
C GLU A 201 -33.43 -12.19 24.47
N MET A 202 -33.98 -11.56 25.51
CA MET A 202 -33.90 -12.07 26.87
C MET A 202 -35.09 -12.93 27.24
N ALA A 203 -35.70 -13.59 26.26
CA ALA A 203 -36.85 -14.46 26.48
C ALA A 203 -36.52 -15.94 26.35
N ILE A 204 -35.35 -16.28 25.80
CA ILE A 204 -34.92 -17.67 25.72
C ILE A 204 -34.42 -18.14 27.08
N PRO A 205 -33.54 -17.40 27.78
CA PRO A 205 -33.15 -17.86 29.12
C PRO A 205 -34.31 -17.87 30.10
N PHE A 206 -35.00 -16.75 30.27
CA PHE A 206 -36.07 -16.64 31.25
C PHE A 206 -37.04 -17.81 31.16
N PHE A 207 -37.72 -17.93 30.03
CA PHE A 207 -38.70 -19.00 29.87
C PHE A 207 -38.07 -20.38 30.04
N THR A 208 -36.81 -20.55 29.67
CA THR A 208 -36.13 -21.83 29.92
C THR A 208 -36.24 -22.20 31.40
N GLY A 209 -35.87 -21.28 32.28
CA GLY A 209 -36.03 -21.53 33.70
C GLY A 209 -37.46 -21.84 34.05
N ARG A 210 -38.40 -21.10 33.47
CA ARG A 210 -39.83 -21.39 33.69
C ARG A 210 -40.14 -22.84 33.33
N LEU A 211 -39.63 -23.30 32.18
CA LEU A 211 -39.87 -24.68 31.78
C LEU A 211 -39.31 -25.64 32.83
N THR A 212 -38.14 -25.34 33.38
CA THR A 212 -37.59 -26.15 34.45
C THR A 212 -38.57 -26.22 35.61
N ASP A 213 -39.09 -25.07 36.04
CA ASP A 213 -40.03 -25.04 37.18
C ASP A 213 -41.34 -25.76 36.79
N TRP A 214 -41.58 -25.98 35.50
CA TRP A 214 -42.76 -26.74 35.11
C TRP A 214 -42.49 -28.23 35.19
N ILE A 215 -41.24 -28.65 34.97
CA ILE A 215 -40.96 -30.08 34.86
C ILE A 215 -40.92 -30.76 36.22
N LEU A 216 -40.75 -30.00 37.31
CA LEU A 216 -40.77 -30.56 38.64
C LEU A 216 -42.12 -30.47 39.32
N GLN A 217 -43.08 -29.78 38.72
CA GLN A 217 -44.40 -29.61 39.32
C GLN A 217 -45.49 -30.14 38.39
N ASP A 218 -45.28 -31.30 37.80
CA ASP A 218 -46.25 -31.91 36.90
C ASP A 218 -47.50 -32.34 37.64
N SER A 220 -50.32 -29.04 33.48
CA SER A 220 -51.10 -29.14 32.25
C SER A 220 -50.29 -28.64 31.06
N ALA A 221 -50.80 -28.90 29.85
CA ALA A 221 -50.11 -28.46 28.64
C ALA A 221 -50.44 -27.04 28.24
N ASP A 222 -51.44 -26.41 28.87
CA ASP A 222 -51.81 -25.04 28.51
C ASP A 222 -50.68 -24.07 28.80
N THR A 223 -50.11 -24.16 30.01
CA THR A 223 -48.99 -23.29 30.37
C THR A 223 -47.78 -23.55 29.51
N PHE A 224 -47.52 -24.83 29.18
CA PHE A 224 -46.42 -25.17 28.30
C PHE A 224 -46.58 -24.52 26.94
N THR A 225 -47.78 -24.62 26.36
CA THR A 225 -48.04 -24.00 25.06
C THR A 225 -47.90 -22.48 25.13
N ARG A 226 -48.41 -21.87 26.20
CA ARG A 226 -48.31 -20.43 26.34
C ARG A 226 -46.84 -19.99 26.38
N ASN A 227 -46.04 -20.69 27.17
CA ASN A 227 -44.61 -20.35 27.27
C ASN A 227 -43.93 -20.51 25.92
N LEU A 228 -44.22 -21.60 25.21
CA LEU A 228 -43.60 -21.82 23.91
C LEU A 228 -43.96 -20.70 22.93
N THR A 229 -45.23 -20.33 22.87
CA THR A 229 -45.66 -19.27 21.95
C THR A 229 -45.00 -17.95 22.30
N LEU A 230 -44.96 -17.60 23.59
CA LEU A 230 -44.33 -16.35 24.00
C LEU A 230 -42.86 -16.31 23.60
N MET A 231 -42.15 -17.42 23.86
CA MET A 231 -40.72 -17.47 23.53
C MET A 231 -40.50 -17.29 22.04
N SER A 232 -41.24 -18.04 21.22
CA SER A 232 -41.05 -17.97 19.77
C SER A 232 -41.36 -16.58 19.24
N ILE A 233 -42.48 -16.00 19.67
CA ILE A 233 -42.88 -14.68 19.17
C ILE A 233 -41.85 -13.63 19.54
N LEU A 234 -41.40 -13.64 20.80
CA LEU A 234 -40.42 -12.63 21.22
C LEU A 234 -39.11 -12.77 20.46
N THR A 235 -38.64 -14.01 20.27
CA THR A 235 -37.38 -14.19 19.56
C THR A 235 -37.49 -13.73 18.11
N ILE A 236 -38.60 -14.06 17.43
CA ILE A 236 -38.76 -13.64 16.03
C ILE A 236 -38.81 -12.12 15.93
N ALA A 237 -39.57 -11.47 16.82
CA ALA A 237 -39.65 -10.02 16.79
C ALA A 237 -38.30 -9.38 17.05
N SER A 238 -37.53 -9.92 17.99
CA SER A 238 -36.20 -9.38 18.25
C SER A 238 -35.31 -9.48 17.03
N ALA A 239 -35.32 -10.64 16.35
CA ALA A 239 -34.48 -10.80 15.17
C ALA A 239 -34.87 -9.80 14.08
N VAL A 240 -36.16 -9.64 13.83
CA VAL A 240 -36.60 -8.73 12.77
C VAL A 240 -36.20 -7.29 13.10
N LEU A 241 -36.41 -6.87 14.35
CA LEU A 241 -36.07 -5.50 14.73
C LEU A 241 -34.57 -5.26 14.62
N GLU A 242 -33.75 -6.23 15.01
CA GLU A 242 -32.31 -6.08 14.86
C GLU A 242 -31.92 -5.91 13.40
N PHE A 243 -32.51 -6.72 12.51
CA PHE A 243 -32.20 -6.60 11.09
C PHE A 243 -32.54 -5.21 10.57
N VAL A 244 -33.72 -4.70 10.92
CA VAL A 244 -34.15 -3.39 10.41
C VAL A 244 -33.23 -2.28 10.94
N GLY A 245 -32.91 -2.33 12.23
CA GLY A 245 -32.03 -1.32 12.79
C GLY A 245 -30.65 -1.31 12.16
N ASP A 246 -30.08 -2.51 11.95
CA ASP A 246 -28.77 -2.59 11.31
C ASP A 246 -28.82 -2.02 9.89
N GLY A 247 -29.87 -2.34 9.14
CA GLY A 247 -29.98 -1.80 7.80
C GLY A 247 -30.01 -0.28 7.79
N ILE A 248 -30.83 0.31 8.68
CA ILE A 248 -30.92 1.77 8.72
C ILE A 248 -29.57 2.39 9.07
N TYR A 249 -28.88 1.83 10.08
CA TYR A 249 -27.61 2.40 10.51
C TYR A 249 -26.58 2.34 9.40
N ASN A 250 -26.47 1.20 8.71
CA ASN A 250 -25.50 1.07 7.63
C ASN A 250 -25.82 2.05 6.49
N ASN A 251 -27.10 2.20 6.15
CA ASN A 251 -27.46 3.11 5.08
C ASN A 251 -27.06 4.54 5.41
N THR A 252 -27.30 4.98 6.65
CA THR A 252 -26.90 6.34 7.02
C THR A 252 -25.38 6.50 7.02
N MET A 253 -24.66 5.51 7.58
CA MET A 253 -23.21 5.65 7.70
C MET A 253 -22.53 5.70 6.34
N GLY A 254 -23.06 4.99 5.34
CA GLY A 254 -22.46 5.07 4.01
C GLY A 254 -22.47 6.48 3.45
N HIS A 255 -23.63 7.15 3.54
CA HIS A 255 -23.73 8.53 3.05
C HIS A 255 -22.81 9.45 3.83
N VAL A 256 -22.75 9.28 5.16
CA VAL A 256 -21.88 10.15 5.97
C VAL A 256 -20.43 9.99 5.53
N HIS A 257 -19.99 8.75 5.34
CA HIS A 257 -18.61 8.48 4.93
C HIS A 257 -18.31 9.10 3.57
N SER A 258 -19.20 8.93 2.59
CA SER A 258 -18.97 9.47 1.27
C SER A 258 -18.89 11.00 1.31
N HIS A 259 -19.80 11.65 2.04
CA HIS A 259 -19.77 13.10 2.13
C HIS A 259 -18.48 13.60 2.77
N LEU A 260 -18.03 12.93 3.83
CA LEU A 260 -16.80 13.34 4.50
C LEU A 260 -15.61 13.23 3.55
N GLN A 261 -15.51 12.13 2.81
CA GLN A 261 -14.39 11.97 1.90
C GLN A 261 -14.42 13.03 0.80
N GLY A 262 -15.60 13.32 0.25
CA GLY A 262 -15.68 14.34 -0.78
C GLY A 262 -15.24 15.70 -0.28
N GLU A 263 -15.70 16.08 0.92
CA GLU A 263 -15.29 17.37 1.48
C GLU A 263 -13.79 17.42 1.74
N VAL A 264 -13.22 16.32 2.25
CA VAL A 264 -11.79 16.28 2.51
C VAL A 264 -11.00 16.50 1.23
N PHE A 265 -11.37 15.78 0.17
CA PHE A 265 -10.64 15.92 -1.09
C PHE A 265 -10.79 17.32 -1.68
N GLY A 266 -11.99 17.88 -1.62
CA GLY A 266 -12.17 19.23 -2.12
C GLY A 266 -11.30 20.24 -1.40
N ALA A 267 -11.27 20.17 -0.07
CA ALA A 267 -10.43 21.07 0.70
C ALA A 267 -8.96 20.87 0.38
N VAL A 268 -8.53 19.62 0.23
CA VAL A 268 -7.12 19.35 -0.07
C VAL A 268 -6.75 19.92 -1.43
N LEU A 269 -7.61 19.73 -2.43
CA LEU A 269 -7.30 20.20 -3.78
C LEU A 269 -7.26 21.72 -3.83
N ARG A 270 -8.19 22.39 -3.16
CA ARG A 270 -8.18 23.85 -3.17
C ARG A 270 -7.15 24.45 -2.23
N GLN A 271 -6.57 23.66 -1.32
CA GLN A 271 -5.58 24.19 -0.38
C GLN A 271 -4.32 24.64 -1.09
N GLU A 272 -3.86 23.86 -2.07
CA GLU A 272 -2.58 24.14 -2.73
C GLU A 272 -2.59 25.49 -3.44
N VAL A 288 -2.98 10.92 2.84
CA VAL A 288 -3.97 11.65 3.62
C VAL A 288 -5.38 11.23 3.23
N THR A 289 -5.63 11.19 1.92
CA THR A 289 -6.96 10.83 1.42
C THR A 289 -7.31 9.39 1.78
N GLU A 290 -6.34 8.47 1.65
CA GLU A 290 -6.62 7.07 1.96
C GLU A 290 -6.74 6.84 3.47
N ASP A 291 -6.18 7.74 4.27
CA ASP A 291 -6.27 7.60 5.72
C ASP A 291 -7.74 7.68 6.16
N THR A 292 -8.49 8.65 5.62
CA THR A 292 -9.89 8.76 5.96
C THR A 292 -10.68 7.54 5.51
N SER A 293 -10.37 7.03 4.31
CA SER A 293 -11.08 5.86 3.79
C SER A 293 -10.83 4.64 4.65
N THR A 294 -9.59 4.44 5.11
CA THR A 294 -9.29 3.30 5.95
C THR A 294 -9.71 3.50 7.40
N LEU A 295 -10.01 4.72 7.80
CA LEU A 295 -10.45 5.00 9.17
C LEU A 295 -11.96 4.92 9.33
N SER A 296 -12.71 5.36 8.31
CA SER A 296 -14.16 5.51 8.47
C SER A 296 -14.84 4.16 8.69
N ASP A 297 -14.47 3.14 7.91
CA ASP A 297 -15.12 1.84 8.04
C ASP A 297 -14.87 1.24 9.42
N SER A 298 -13.63 1.29 9.88
CA SER A 298 -13.29 0.77 11.20
C SER A 298 -14.05 1.53 12.29
N LEU A 299 -14.09 2.86 12.19
CA LEU A 299 -14.80 3.64 13.20
C LEU A 299 -16.27 3.28 13.25
N SER A 300 -16.90 3.19 12.08
CA SER A 300 -18.33 2.86 12.04
C SER A 300 -18.61 1.49 12.62
N GLU A 301 -17.84 0.48 12.20
CA GLU A 301 -18.07 -0.88 12.67
C GLU A 301 -17.88 -0.97 14.18
N ASN A 302 -16.79 -0.38 14.69
CA ASN A 302 -16.52 -0.47 16.12
C ASN A 302 -17.57 0.28 16.93
N LEU A 303 -18.03 1.43 16.43
CA LEU A 303 -19.07 2.17 17.14
C LEU A 303 -20.37 1.39 17.19
N SER A 304 -20.74 0.74 16.07
CA SER A 304 -21.96 -0.06 16.06
C SER A 304 -21.88 -1.20 17.07
N LEU A 305 -20.76 -1.93 17.05
CA LEU A 305 -20.61 -3.04 17.99
C LEU A 305 -20.64 -2.55 19.44
N PHE A 306 -19.96 -1.43 19.71
CA PHE A 306 -19.95 -0.88 21.06
C PHE A 306 -21.35 -0.54 21.54
N LEU A 307 -22.14 0.12 20.69
CA LEU A 307 -23.50 0.49 21.09
C LEU A 307 -24.35 -0.74 21.34
N TRP A 308 -24.30 -1.72 20.43
CA TRP A 308 -25.10 -2.92 20.59
C TRP A 308 -24.78 -3.61 21.91
N TYR A 309 -23.50 -3.85 22.17
CA TYR A 309 -23.16 -4.64 23.34
C TYR A 309 -23.33 -3.85 24.64
N LEU A 310 -23.15 -2.53 24.61
CA LEU A 310 -23.43 -1.73 25.80
C LEU A 310 -24.90 -1.81 26.17
N VAL A 311 -25.80 -1.69 25.18
CA VAL A 311 -27.23 -1.78 25.49
C VAL A 311 -27.58 -3.18 25.99
N ARG A 312 -27.01 -4.20 25.36
CA ARG A 312 -27.27 -5.55 25.81
C ARG A 312 -26.86 -5.69 27.26
N GLY A 313 -25.63 -5.31 27.58
CA GLY A 313 -25.15 -5.47 28.94
C GLY A 313 -25.99 -4.72 29.96
N LEU A 314 -26.44 -3.50 29.60
CA LEU A 314 -27.30 -2.76 30.51
C LEU A 314 -28.61 -3.51 30.78
N CYS A 315 -29.23 -4.04 29.72
CA CYS A 315 -30.48 -4.77 29.90
C CYS A 315 -30.28 -6.02 30.75
N LEU A 316 -29.19 -6.75 30.50
CA LEU A 316 -28.93 -7.97 31.27
C LEU A 316 -28.69 -7.65 32.73
N LEU A 317 -27.92 -6.60 33.02
CA LEU A 317 -27.68 -6.22 34.40
C LEU A 317 -28.97 -5.81 35.08
N GLY A 318 -29.83 -5.07 34.38
CA GLY A 318 -31.10 -4.67 34.98
C GLY A 318 -31.98 -5.86 35.32
N ILE A 319 -32.12 -6.80 34.39
CA ILE A 319 -32.99 -7.95 34.64
C ILE A 319 -32.40 -8.83 35.75
N MET A 320 -31.08 -8.98 35.79
CA MET A 320 -30.46 -9.74 36.87
C MET A 320 -30.70 -9.06 38.22
N LEU A 321 -30.57 -7.74 38.28
CA LEU A 321 -30.78 -7.03 39.54
C LEU A 321 -32.22 -7.16 40.01
N TRP A 322 -33.17 -7.13 39.07
CA TRP A 322 -34.56 -7.38 39.44
C TRP A 322 -34.77 -8.82 39.90
N GLY A 323 -34.02 -9.76 39.34
CA GLY A 323 -34.18 -11.16 39.70
C GLY A 323 -33.75 -11.50 41.11
N SER A 324 -32.46 -11.42 41.40
CA SER A 324 -31.93 -11.76 42.72
C SER A 324 -30.83 -10.77 43.06
N VAL A 325 -31.02 -10.02 44.14
CA VAL A 325 -30.07 -8.97 44.51
C VAL A 325 -28.77 -9.56 45.02
N SER A 326 -28.84 -10.60 45.85
CA SER A 326 -27.65 -11.11 46.52
C SER A 326 -26.67 -11.72 45.52
N LEU A 327 -27.17 -12.57 44.63
CA LEU A 327 -26.29 -13.20 43.64
C LEU A 327 -25.71 -12.16 42.69
N THR A 328 -26.50 -11.15 42.31
CA THR A 328 -25.98 -10.08 41.46
C THR A 328 -24.87 -9.32 42.17
N MET A 329 -25.04 -9.06 43.47
CA MET A 329 -24.00 -8.38 44.24
C MET A 329 -22.73 -9.23 44.29
N VAL A 330 -22.88 -10.54 44.47
CA VAL A 330 -21.71 -11.43 44.49
C VAL A 330 -20.98 -11.38 43.15
N THR A 331 -21.74 -11.45 42.05
CA THR A 331 -21.12 -11.42 40.72
C THR A 331 -20.40 -10.10 40.49
N LEU A 332 -21.02 -8.98 40.87
CA LEU A 332 -20.39 -7.68 40.67
C LEU A 332 -19.13 -7.55 41.53
N ILE A 333 -19.15 -8.10 42.73
CA ILE A 333 -17.97 -8.02 43.60
C ILE A 333 -16.82 -8.85 43.01
N THR A 334 -17.11 -10.06 42.52
CA THR A 334 -16.03 -10.92 42.05
C THR A 334 -15.61 -10.66 40.61
N LEU A 335 -16.35 -9.83 39.87
CA LEU A 335 -15.94 -9.53 38.50
C LEU A 335 -14.59 -8.82 38.40
N PRO A 336 -14.34 -7.72 39.12
CA PRO A 336 -13.05 -7.02 38.94
C PRO A 336 -11.84 -7.84 39.34
N LEU A 337 -11.95 -8.67 40.38
CA LEU A 337 -10.80 -9.45 40.83
C LEU A 337 -10.39 -10.51 39.82
N LEU A 338 -11.33 -11.00 39.03
CA LEU A 338 -11.06 -12.02 38.03
C LEU A 338 -10.87 -11.43 36.63
N PHE A 339 -10.80 -10.11 36.50
CA PHE A 339 -10.61 -9.46 35.21
C PHE A 339 -9.46 -8.48 35.24
N LEU A 340 -8.40 -8.82 35.97
CA LEU A 340 -7.22 -7.97 36.09
C LEU A 340 -5.99 -8.61 35.48
N LEU A 341 -5.65 -9.83 35.89
CA LEU A 341 -4.47 -10.51 35.36
C LEU A 341 -4.54 -10.77 33.86
N PRO A 342 -5.66 -11.25 33.27
CA PRO A 342 -5.67 -11.49 31.83
C PRO A 342 -5.33 -10.25 30.99
N LYS A 343 -5.80 -9.07 31.41
CA LYS A 343 -5.42 -7.85 30.70
C LYS A 343 -3.93 -7.60 30.80
N LYS A 344 -3.35 -7.83 31.98
CA LYS A 344 -1.92 -7.63 32.17
C LYS A 344 -1.11 -8.54 31.26
N VAL A 345 -1.52 -9.80 31.14
CA VAL A 345 -0.79 -10.73 30.27
C VAL A 345 -1.01 -10.37 28.79
N GLY A 346 -2.24 -9.98 28.44
CA GLY A 346 -2.53 -9.64 27.06
C GLY A 346 -1.77 -8.43 26.56
N LYS A 347 -1.57 -7.44 27.42
CA LYS A 347 -0.80 -6.26 27.00
C LYS A 347 0.65 -6.65 26.66
N TRP A 348 1.26 -7.49 27.50
CA TRP A 348 2.61 -7.96 27.25
C TRP A 348 2.69 -8.76 25.95
N TYR A 349 1.72 -9.65 25.73
CA TYR A 349 1.70 -10.43 24.50
C TYR A 349 1.56 -9.53 23.27
N GLN A 350 0.69 -8.51 23.35
CA GLN A 350 0.51 -7.60 22.24
C GLN A 350 1.78 -6.80 21.96
N LEU A 351 2.48 -6.37 23.01
CA LEU A 351 3.74 -5.67 22.82
C LEU A 351 4.75 -6.54 22.09
N LEU A 352 4.87 -7.81 22.49
CA LEU A 352 5.79 -8.71 21.81
C LEU A 352 5.39 -8.88 20.34
N GLU A 353 4.10 -9.03 20.07
CA GLU A 353 3.65 -9.21 18.70
C GLU A 353 3.97 -7.99 17.83
N VAL A 354 3.73 -6.78 18.35
CA VAL A 354 4.01 -5.59 17.55
C VAL A 354 5.51 -5.43 17.33
N GLN A 355 6.33 -5.79 18.32
CA GLN A 355 7.77 -5.75 18.11
C GLN A 355 8.20 -6.70 16.98
N VAL A 356 7.64 -7.91 16.98
CA VAL A 356 7.97 -8.88 15.94
C VAL A 356 7.59 -8.34 14.56
N ARG A 357 6.39 -7.76 14.45
CA ARG A 357 5.95 -7.25 13.16
C ARG A 357 6.83 -6.10 12.68
N GLU A 358 7.23 -5.21 13.59
CA GLU A 358 8.12 -4.11 13.21
C GLU A 358 9.47 -4.63 12.72
N SER A 359 10.00 -5.67 13.39
CA SER A 359 11.27 -6.25 12.94
C SER A 359 11.13 -6.85 11.56
N LEU A 360 10.02 -7.54 11.29
CA LEU A 360 9.79 -8.10 9.96
C LEU A 360 9.75 -7.00 8.91
N ALA A 361 9.08 -5.89 9.21
CA ALA A 361 9.03 -4.78 8.27
C ALA A 361 10.41 -4.19 8.00
N LYS A 362 11.23 -4.07 9.04
CA LYS A 362 12.60 -3.58 8.85
C LYS A 362 13.39 -4.49 7.93
N SER A 363 13.29 -5.81 8.14
CA SER A 363 14.00 -6.75 7.26
C SER A 363 13.51 -6.64 5.83
N SER A 364 12.20 -6.49 5.66
CA SER A 364 11.60 -6.35 4.30
C SER A 364 12.33 -5.24 3.53
N GLN A 365 12.42 -4.04 4.11
CA GLN A 365 13.10 -2.90 3.45
C GLN A 365 14.58 -3.27 3.24
N VAL A 366 15.24 -3.78 4.29
CA VAL A 366 16.67 -4.20 4.17
C VAL A 366 16.80 -5.06 2.90
N ALA A 367 15.71 -5.66 2.45
CA ALA A 367 15.73 -6.51 1.27
C ALA A 367 15.33 -5.75 0.02
N ILE A 368 14.28 -4.92 0.11
CA ILE A 368 13.82 -4.18 -1.05
C ILE A 368 14.86 -3.16 -1.49
N GLU A 369 15.49 -2.48 -0.53
CA GLU A 369 16.56 -1.55 -0.86
C GLU A 369 17.69 -2.27 -1.59
N ALA A 370 18.04 -3.47 -1.14
CA ALA A 370 19.08 -4.23 -1.82
C ALA A 370 18.65 -4.62 -3.24
N LEU A 371 17.39 -5.03 -3.41
CA LEU A 371 16.93 -5.51 -4.70
C LEU A 371 16.62 -4.40 -5.69
N SER A 372 16.52 -3.15 -5.25
CA SER A 372 16.19 -2.05 -6.15
C SER A 372 17.40 -1.48 -6.88
N ALA A 373 18.62 -1.85 -6.49
CA ALA A 373 19.82 -1.32 -7.12
C ALA A 373 20.70 -2.44 -7.64
N MET A 374 20.10 -3.40 -8.34
CA MET A 374 20.83 -4.59 -8.78
C MET A 374 22.04 -4.31 -9.66
N PRO A 375 22.02 -3.36 -10.61
CA PRO A 375 23.22 -3.16 -11.44
C PRO A 375 24.48 -2.89 -10.65
N THR A 376 24.40 -2.07 -9.59
CA THR A 376 25.61 -1.78 -8.81
C THR A 376 26.06 -3.00 -8.01
N VAL A 377 25.11 -3.73 -7.42
CA VAL A 377 25.47 -4.93 -6.66
C VAL A 377 26.15 -5.94 -7.57
N ARG A 378 25.60 -6.16 -8.76
CA ARG A 378 26.22 -7.09 -9.70
C ARG A 378 27.57 -6.57 -10.17
N SER A 379 27.71 -5.25 -10.36
CA SER A 379 28.97 -4.69 -10.81
C SER A 379 30.07 -4.90 -9.77
N PHE A 380 29.74 -4.77 -8.49
CA PHE A 380 30.74 -4.92 -7.45
C PHE A 380 30.83 -6.34 -6.91
N ALA A 381 30.04 -7.27 -7.44
CA ALA A 381 30.09 -8.69 -7.04
C ALA A 381 29.88 -8.84 -5.53
N ASN A 382 28.80 -8.22 -5.04
CA ASN A 382 28.52 -8.16 -3.61
C ASN A 382 27.15 -8.74 -3.29
N GLU A 383 26.81 -9.88 -3.90
CA GLU A 383 25.55 -10.54 -3.57
C GLU A 383 25.63 -11.27 -2.23
N GLU A 384 26.76 -11.88 -1.94
CA GLU A 384 26.93 -12.59 -0.67
C GLU A 384 26.81 -11.64 0.50
N GLY A 385 27.28 -10.40 0.36
CA GLY A 385 27.11 -9.42 1.42
C GLY A 385 25.66 -9.11 1.70
N GLU A 386 24.85 -8.97 0.63
CA GLU A 386 23.43 -8.72 0.81
C GLU A 386 22.74 -9.91 1.47
N ALA A 387 23.10 -11.13 1.06
CA ALA A 387 22.52 -12.31 1.70
C ALA A 387 22.88 -12.36 3.18
N GLN A 388 24.14 -12.04 3.50
CA GLN A 388 24.57 -12.05 4.89
C GLN A 388 23.84 -10.99 5.71
N LYS A 389 23.62 -9.80 5.13
CA LYS A 389 22.89 -8.77 5.84
C LYS A 389 21.44 -9.20 6.11
N PHE A 390 20.79 -9.82 5.13
CA PHE A 390 19.43 -10.29 5.35
C PHE A 390 19.38 -11.38 6.43
N ARG A 391 20.34 -12.31 6.39
CA ARG A 391 20.38 -13.36 7.40
C ARG A 391 20.61 -12.79 8.80
N GLU A 392 21.51 -11.81 8.91
CA GLU A 392 21.74 -11.18 10.20
C GLU A 392 20.49 -10.46 10.70
N LYS A 393 19.72 -9.87 9.79
CA LYS A 393 18.46 -9.26 10.20
C LYS A 393 17.47 -10.28 10.72
N LEU A 394 17.39 -11.45 10.07
CA LEU A 394 16.44 -12.47 10.51
C LEU A 394 16.86 -13.12 11.84
N GLN A 395 18.17 -13.16 12.10
CA GLN A 395 18.66 -13.75 13.35
C GLN A 395 18.20 -12.98 14.58
N GLU A 396 17.69 -11.76 14.43
CA GLU A 396 17.17 -11.01 15.56
C GLU A 396 15.71 -11.34 15.85
N ILE A 397 14.91 -11.55 14.81
CA ILE A 397 13.52 -11.99 15.00
C ILE A 397 13.47 -13.41 15.55
N LYS A 398 14.47 -14.23 15.20
CA LYS A 398 14.53 -15.58 15.73
C LYS A 398 14.51 -15.59 17.27
N THR A 399 15.08 -14.55 17.89
CA THR A 399 15.09 -14.49 19.35
C THR A 399 13.72 -14.11 19.90
N LEU A 400 13.03 -13.15 19.28
CA LEU A 400 11.77 -12.67 19.81
C LEU A 400 10.65 -13.69 19.67
N ASN A 401 10.74 -14.55 18.65
CA ASN A 401 9.63 -15.48 18.39
C ASN A 401 9.40 -16.44 19.56
N GLN A 402 10.46 -16.86 20.23
CA GLN A 402 10.32 -17.80 21.34
C GLN A 402 9.52 -17.19 22.49
N LYS A 403 9.88 -15.96 22.89
CA LYS A 403 9.14 -15.31 23.96
C LYS A 403 7.72 -14.99 23.53
N GLU A 404 7.50 -14.70 22.24
CA GLU A 404 6.13 -14.49 21.78
C GLU A 404 5.29 -15.76 21.97
N ALA A 405 5.85 -16.92 21.62
CA ALA A 405 5.13 -18.18 21.81
C ALA A 405 4.86 -18.45 23.28
N VAL A 406 5.85 -18.22 24.14
CA VAL A 406 5.67 -18.47 25.56
C VAL A 406 4.57 -17.57 26.14
N ALA A 407 4.58 -16.30 25.75
CA ALA A 407 3.55 -15.38 26.22
C ALA A 407 2.17 -15.82 25.73
N TYR A 408 2.07 -16.31 24.50
CA TYR A 408 0.80 -16.80 23.99
C TYR A 408 0.28 -17.94 24.86
N ALA A 409 1.13 -18.92 25.16
CA ALA A 409 0.70 -20.05 25.97
C ALA A 409 0.24 -19.60 27.36
N VAL A 410 1.01 -18.71 27.99
CA VAL A 410 0.67 -18.26 29.34
C VAL A 410 -0.66 -17.50 29.32
N ASN A 411 -0.87 -16.68 28.29
CA ASN A 411 -2.13 -15.95 28.18
C ASN A 411 -3.31 -16.90 28.05
N SER A 412 -3.16 -17.95 27.25
CA SER A 412 -4.25 -18.92 27.11
C SER A 412 -4.57 -19.60 28.44
N TRP A 413 -3.52 -20.01 29.17
CA TRP A 413 -3.75 -20.65 30.46
C TRP A 413 -4.47 -19.72 31.42
N THR A 414 -4.04 -18.46 31.49
CA THR A 414 -4.66 -17.51 32.42
C THR A 414 -6.12 -17.28 32.08
N THR A 415 -6.42 -17.12 30.78
CA THR A 415 -7.81 -16.90 30.38
C THR A 415 -8.69 -18.08 30.77
N SER A 416 -8.21 -19.31 30.51
CA SER A 416 -9.03 -20.48 30.85
C SER A 416 -9.26 -20.58 32.36
N ILE A 417 -8.20 -20.34 33.15
CA ILE A 417 -8.34 -20.47 34.60
C ILE A 417 -9.33 -19.45 35.14
N SER A 418 -9.23 -18.20 34.68
CA SER A 418 -10.17 -17.19 35.13
C SER A 418 -11.60 -17.54 34.73
N GLY A 419 -11.77 -18.02 33.49
CA GLY A 419 -13.10 -18.38 33.05
C GLY A 419 -13.75 -19.46 33.89
N MET A 420 -12.95 -20.46 34.29
CA MET A 420 -13.48 -21.58 35.10
C MET A 420 -13.75 -21.08 36.53
N LEU A 421 -12.81 -20.33 37.11
CA LEU A 421 -12.95 -19.87 38.52
C LEU A 421 -14.22 -19.01 38.64
N LEU A 422 -14.40 -18.05 37.73
CA LEU A 422 -15.56 -17.12 37.81
C LEU A 422 -16.85 -17.93 37.97
N LYS A 423 -17.10 -18.90 37.08
CA LYS A 423 -18.35 -19.65 37.11
C LYS A 423 -18.48 -20.46 38.41
N VAL A 424 -17.39 -21.09 38.85
CA VAL A 424 -17.47 -21.93 40.04
C VAL A 424 -17.83 -21.09 41.26
N GLY A 425 -17.29 -19.88 41.34
CA GLY A 425 -17.53 -19.04 42.51
C GLY A 425 -18.99 -18.74 42.74
N ILE A 426 -19.75 -18.52 41.67
CA ILE A 426 -21.17 -18.26 41.81
C ILE A 426 -21.99 -19.55 41.86
N LEU A 427 -21.48 -20.63 41.23
CA LEU A 427 -22.23 -21.89 41.28
C LEU A 427 -22.32 -22.42 42.70
N TYR A 428 -21.23 -22.28 43.48
CA TYR A 428 -21.26 -22.77 44.86
C TYR A 428 -22.35 -22.06 45.67
N ILE A 429 -22.34 -20.73 45.65
CA ILE A 429 -23.29 -19.97 46.44
C ILE A 429 -24.71 -20.18 45.94
N GLY A 430 -24.91 -20.30 44.63
CA GLY A 430 -26.24 -20.60 44.12
C GLY A 430 -26.76 -21.94 44.58
N GLY A 431 -25.90 -22.97 44.57
CA GLY A 431 -26.30 -24.27 45.05
C GLY A 431 -26.66 -24.25 46.53
N GLN A 432 -25.85 -23.58 47.35
CA GLN A 432 -26.15 -23.51 48.77
C GLN A 432 -27.46 -22.77 49.01
N LEU A 433 -27.69 -21.68 48.29
CA LEU A 433 -28.94 -20.93 48.43
C LEU A 433 -30.15 -21.78 48.05
N VAL A 434 -30.03 -22.53 46.95
CA VAL A 434 -31.15 -23.38 46.51
C VAL A 434 -31.42 -24.46 47.55
N THR A 435 -30.36 -25.10 48.07
CA THR A 435 -30.53 -26.11 49.08
C THR A 435 -31.17 -25.53 50.34
N SER A 436 -30.84 -24.29 50.68
CA SER A 436 -31.45 -23.64 51.84
C SER A 436 -32.96 -23.52 51.68
N GLY A 437 -33.45 -23.42 50.46
CA GLY A 437 -34.88 -23.36 50.21
C GLY A 437 -35.46 -21.97 50.02
N ALA A 438 -34.62 -20.94 49.94
CA ALA A 438 -35.14 -19.59 49.76
C ALA A 438 -35.61 -19.36 48.33
N VAL A 439 -34.95 -19.98 47.35
CA VAL A 439 -35.29 -19.80 45.94
C VAL A 439 -35.39 -21.17 45.27
N SER A 440 -36.08 -21.20 44.13
CA SER A 440 -36.27 -22.44 43.39
C SER A 440 -35.15 -22.62 42.37
N SER A 441 -35.18 -23.75 41.67
CA SER A 441 -34.12 -24.06 40.72
C SER A 441 -34.24 -23.27 39.42
N GLY A 442 -35.47 -22.98 38.98
CA GLY A 442 -35.63 -22.24 37.73
C GLY A 442 -35.03 -20.86 37.79
N ASN A 443 -35.20 -20.16 38.92
CA ASN A 443 -34.58 -18.86 39.09
C ASN A 443 -33.07 -18.97 39.02
N LEU A 444 -32.49 -20.02 39.60
CA LEU A 444 -31.05 -20.23 39.53
C LEU A 444 -30.60 -20.46 38.10
N VAL A 445 -31.35 -21.24 37.33
CA VAL A 445 -30.98 -21.49 35.93
C VAL A 445 -31.00 -20.20 35.13
N THR A 446 -32.07 -19.41 35.29
CA THR A 446 -32.14 -18.13 34.59
C THR A 446 -30.99 -17.21 34.99
N PHE A 447 -30.68 -17.16 36.29
CA PHE A 447 -29.58 -16.31 36.73
C PHE A 447 -28.25 -16.77 36.15
N VAL A 448 -28.03 -18.07 36.08
CA VAL A 448 -26.78 -18.58 35.53
C VAL A 448 -26.63 -18.17 34.07
N LEU A 449 -27.70 -18.35 33.29
CA LEU A 449 -27.63 -17.96 31.88
C LEU A 449 -27.41 -16.47 31.73
N TYR A 450 -28.11 -15.66 32.53
CA TYR A 450 -27.94 -14.21 32.48
C TYR A 450 -26.51 -13.81 32.83
N GLN A 451 -25.93 -14.46 33.84
CA GLN A 451 -24.57 -14.15 34.25
C GLN A 451 -23.57 -14.48 33.15
N MET A 452 -23.75 -15.62 32.48
CA MET A 452 -22.87 -15.97 31.38
C MET A 452 -22.94 -14.93 30.27
N GLN A 453 -24.16 -14.53 29.90
CA GLN A 453 -24.31 -13.54 28.84
C GLN A 453 -23.72 -12.18 29.24
N PHE A 454 -23.90 -11.80 30.51
CA PHE A 454 -23.37 -10.54 30.99
C PHE A 454 -21.84 -10.52 30.95
N THR A 455 -21.21 -11.63 31.37
CA THR A 455 -19.75 -11.71 31.30
C THR A 455 -19.27 -11.62 29.86
N GLN A 456 -19.96 -12.31 28.95
CA GLN A 456 -19.58 -12.22 27.54
C GLN A 456 -19.67 -10.78 27.02
N ALA A 457 -20.74 -10.07 27.38
CA ALA A 457 -20.91 -8.69 26.94
C ALA A 457 -19.81 -7.79 27.47
N VAL A 458 -19.46 -7.95 28.76
CA VAL A 458 -18.41 -7.12 29.35
C VAL A 458 -17.08 -7.38 28.66
N GLU A 459 -16.78 -8.66 28.40
CA GLU A 459 -15.51 -8.99 27.74
C GLU A 459 -15.45 -8.39 26.34
N VAL A 460 -16.57 -8.47 25.59
CA VAL A 460 -16.60 -7.87 24.23
C VAL A 460 -16.33 -6.37 24.36
N LEU A 461 -17.03 -5.70 25.26
CA LEU A 461 -16.86 -4.25 25.39
C LEU A 461 -15.41 -3.89 25.69
N LEU A 462 -14.77 -4.63 26.59
CA LEU A 462 -13.38 -4.36 26.92
C LEU A 462 -12.47 -4.60 25.71
N SER A 463 -12.78 -5.62 24.91
CA SER A 463 -11.97 -5.87 23.72
C SER A 463 -12.17 -4.79 22.67
N ILE A 464 -13.37 -4.21 22.57
CA ILE A 464 -13.69 -3.28 21.49
C ILE A 464 -13.23 -1.86 21.79
N TYR A 465 -13.32 -1.42 23.04
CA TYR A 465 -13.12 0.00 23.37
C TYR A 465 -11.82 0.61 22.85
N PRO A 466 -10.65 -0.03 22.99
CA PRO A 466 -9.40 0.64 22.54
C PRO A 466 -9.40 1.02 21.08
N ARG A 467 -9.98 0.21 20.20
CA ARG A 467 -10.03 0.56 18.78
C ARG A 467 -10.86 1.82 18.55
N VAL A 468 -11.98 1.93 19.26
CA VAL A 468 -12.80 3.14 19.17
C VAL A 468 -12.01 4.36 19.62
N GLN A 469 -11.29 4.22 20.75
CA GLN A 469 -10.51 5.35 21.25
C GLN A 469 -9.43 5.75 20.24
N LYS A 470 -8.74 4.77 19.65
CA LYS A 470 -7.68 5.08 18.70
C LYS A 470 -8.23 5.78 17.46
N ALA A 471 -9.35 5.27 16.92
CA ALA A 471 -9.92 5.89 15.73
C ALA A 471 -10.41 7.30 16.01
N VAL A 472 -11.04 7.50 17.17
CA VAL A 472 -11.51 8.84 17.53
C VAL A 472 -10.33 9.80 17.66
N GLY A 473 -9.25 9.35 18.30
CA GLY A 473 -8.07 10.20 18.39
C GLY A 473 -7.45 10.51 17.05
N SER A 474 -7.50 9.55 16.13
CA SER A 474 -6.88 9.74 14.82
C SER A 474 -7.69 10.68 13.92
N SER A 475 -9.03 10.66 14.04
CA SER A 475 -9.85 11.48 13.17
C SER A 475 -9.63 12.98 13.38
N GLU A 476 -9.18 13.37 14.58
CA GLU A 476 -8.95 14.79 14.85
C GLU A 476 -7.83 15.35 13.98
N LYS A 477 -6.84 14.52 13.62
CA LYS A 477 -5.80 14.98 12.71
C LYS A 477 -6.35 15.34 11.35
N ILE A 478 -7.23 14.50 10.81
CA ILE A 478 -7.87 14.80 9.53
C ILE A 478 -8.72 16.06 9.64
N PHE A 479 -9.44 16.18 10.75
CA PHE A 479 -10.25 17.38 10.96
C PHE A 479 -9.39 18.62 10.92
N GLU A 480 -8.31 18.61 11.68
CA GLU A 480 -7.43 19.77 11.75
C GLU A 480 -6.81 20.06 10.39
N TYR A 481 -6.41 19.03 9.65
CA TYR A 481 -5.86 19.24 8.31
C TYR A 481 -6.88 19.84 7.35
N LEU A 482 -8.15 19.46 7.48
CA LEU A 482 -9.19 20.02 6.63
C LEU A 482 -9.56 21.44 7.03
N ASP A 483 -9.53 21.76 8.32
CA ASP A 483 -9.96 23.08 8.79
C ASP A 483 -8.86 24.14 8.69
N ARG A 484 -7.64 23.77 8.35
CA ARG A 484 -6.55 24.75 8.28
C ARG A 484 -6.66 25.59 7.00
N GLY A 492 -18.53 35.70 -6.67
CA GLY A 492 -18.92 37.08 -6.87
C GLY A 492 -17.97 37.86 -7.76
N LEU A 493 -18.42 38.21 -8.95
CA LEU A 493 -17.60 38.95 -9.90
C LEU A 493 -18.50 39.64 -10.91
N LEU A 494 -17.94 40.64 -11.58
CA LEU A 494 -18.68 41.35 -12.61
C LEU A 494 -18.82 40.46 -13.86
N THR A 495 -19.83 40.78 -14.66
CA THR A 495 -20.12 39.99 -15.85
C THR A 495 -19.27 40.47 -17.02
N PRO A 496 -18.41 39.63 -17.58
CA PRO A 496 -17.64 40.02 -18.77
C PRO A 496 -18.32 39.63 -20.06
N LEU A 497 -18.14 40.48 -21.07
CA LEU A 497 -18.71 40.25 -22.39
C LEU A 497 -17.65 39.98 -23.45
N HIS A 498 -16.69 40.88 -23.61
CA HIS A 498 -15.63 40.69 -24.60
C HIS A 498 -14.44 41.55 -24.20
N LEU A 499 -13.26 41.13 -24.65
CA LEU A 499 -12.02 41.86 -24.39
C LEU A 499 -11.27 42.02 -25.70
N GLU A 500 -10.77 43.24 -25.94
CA GLU A 500 -10.06 43.53 -27.18
C GLU A 500 -8.60 43.11 -27.14
N GLY A 501 -8.09 42.64 -26.00
CA GLY A 501 -6.71 42.26 -25.88
C GLY A 501 -5.77 43.37 -25.46
N LEU A 502 -6.29 44.46 -24.91
CA LEU A 502 -5.46 45.58 -24.46
C LEU A 502 -5.19 45.44 -22.97
N VAL A 503 -3.91 45.42 -22.61
CA VAL A 503 -3.50 45.26 -21.22
C VAL A 503 -2.41 46.28 -20.90
N GLN A 504 -2.28 46.59 -19.61
CA GLN A 504 -1.27 47.52 -19.11
C GLN A 504 -1.20 47.41 -17.60
N PHE A 505 -0.04 47.72 -17.04
CA PHE A 505 0.17 47.69 -15.60
C PHE A 505 0.92 48.94 -15.16
N GLN A 506 0.56 49.42 -13.97
CA GLN A 506 1.19 50.60 -13.38
C GLN A 506 1.47 50.32 -11.91
N ASP A 507 2.76 50.36 -11.54
CA ASP A 507 3.20 50.08 -10.17
C ASP A 507 2.69 48.72 -9.70
N VAL A 508 2.77 47.73 -10.58
CA VAL A 508 2.30 46.38 -10.27
C VAL A 508 3.38 45.65 -9.48
N SER A 509 2.94 44.86 -8.49
CA SER A 509 3.84 44.08 -7.67
C SER A 509 3.18 42.77 -7.30
N PHE A 510 3.97 41.70 -7.25
CA PHE A 510 3.50 40.39 -6.87
C PHE A 510 4.60 39.66 -6.11
N ALA A 511 4.20 38.72 -5.26
CA ALA A 511 5.14 38.02 -4.39
C ALA A 511 4.70 36.57 -4.23
N TYR A 512 5.53 35.80 -3.51
CA TYR A 512 5.23 34.42 -3.19
C TYR A 512 4.21 34.36 -2.05
N PRO A 513 3.40 33.29 -2.01
CA PRO A 513 2.42 33.16 -0.92
C PRO A 513 3.05 33.02 0.46
N ASN A 514 4.32 32.62 0.54
CA ASN A 514 4.97 32.44 1.85
C ASN A 514 5.06 33.77 2.60
N ARG A 515 5.45 34.82 1.90
CA ARG A 515 5.59 36.14 2.52
C ARG A 515 5.63 37.18 1.41
N PRO A 516 5.15 38.41 1.68
CA PRO A 516 5.23 39.47 0.67
C PRO A 516 6.63 40.00 0.44
N ASP A 517 7.64 39.50 1.16
CA ASP A 517 9.02 39.95 1.00
C ASP A 517 9.76 39.16 -0.09
N VAL A 518 9.10 38.21 -0.74
CA VAL A 518 9.72 37.40 -1.78
C VAL A 518 9.28 37.93 -3.15
N LEU A 519 8.92 39.21 -3.20
CA LEU A 519 8.41 39.80 -4.44
C LEU A 519 9.45 39.73 -5.55
N VAL A 520 9.00 39.33 -6.74
CA VAL A 520 9.86 39.25 -7.91
C VAL A 520 9.64 40.42 -8.86
N LEU A 521 8.85 41.42 -8.45
CA LEU A 521 8.58 42.58 -9.28
C LEU A 521 8.44 43.80 -8.40
N GLN A 522 8.74 44.96 -8.96
CA GLN A 522 8.62 46.22 -8.23
C GLN A 522 8.43 47.35 -9.24
N GLY A 523 7.21 47.89 -9.32
CA GLY A 523 6.93 48.98 -10.24
C GLY A 523 7.06 48.61 -11.69
N LEU A 524 6.53 47.46 -12.09
CA LEU A 524 6.60 47.04 -13.48
C LEU A 524 5.67 47.88 -14.35
N THR A 525 5.99 47.97 -15.63
CA THR A 525 5.21 48.73 -16.59
C THR A 525 5.03 47.95 -17.89
N PHE A 526 4.73 46.66 -17.77
CA PHE A 526 4.53 45.83 -18.95
C PHE A 526 3.24 46.19 -19.66
N THR A 527 3.27 46.16 -20.99
CA THR A 527 2.10 46.47 -21.79
C THR A 527 2.26 45.83 -23.16
N LEU A 528 1.21 45.14 -23.62
CA LEU A 528 1.19 44.51 -24.93
C LEU A 528 -0.03 45.00 -25.69
N ARG A 529 0.20 45.59 -26.86
CA ARG A 529 -0.90 46.13 -27.65
C ARG A 529 -1.74 45.00 -28.25
N PRO A 530 -3.03 45.24 -28.45
CA PRO A 530 -3.86 44.22 -29.10
C PRO A 530 -3.44 44.04 -30.56
N GLY A 531 -3.32 42.78 -30.99
CA GLY A 531 -2.86 42.49 -32.31
C GLY A 531 -1.36 42.55 -32.49
N GLU A 532 -0.61 42.75 -31.42
CA GLU A 532 0.85 42.83 -31.46
C GLU A 532 1.45 41.77 -30.55
N VAL A 533 2.47 41.09 -31.05
CA VAL A 533 3.16 40.02 -30.32
C VAL A 533 4.46 40.55 -29.78
N THR A 534 4.71 40.35 -28.49
CA THR A 534 5.90 40.86 -27.84
C THR A 534 6.49 39.77 -26.94
N ALA A 535 7.76 39.95 -26.59
CA ALA A 535 8.48 39.01 -25.76
C ALA A 535 9.22 39.77 -24.66
N LEU A 536 9.50 39.06 -23.57
CA LEU A 536 10.18 39.64 -22.41
C LEU A 536 11.39 38.77 -22.03
N VAL A 537 12.40 39.42 -21.47
CA VAL A 537 13.64 38.77 -21.05
C VAL A 537 14.05 39.36 -19.70
N GLY A 538 15.03 38.72 -19.08
CA GLY A 538 15.55 39.15 -17.80
C GLY A 538 16.48 38.14 -17.16
N PRO A 539 16.94 38.46 -15.95
CA PRO A 539 17.82 37.52 -15.24
C PRO A 539 17.10 36.22 -14.89
N ASN A 540 17.87 35.13 -14.85
CA ASN A 540 17.29 33.83 -14.53
C ASN A 540 16.72 33.81 -13.12
N GLY A 541 17.43 34.39 -12.16
CA GLY A 541 16.97 34.43 -10.78
C GLY A 541 15.97 35.52 -10.47
N SER A 542 15.63 36.36 -11.44
CA SER A 542 14.67 37.43 -11.19
C SER A 542 13.25 36.90 -11.03
N GLY A 543 12.97 35.71 -11.53
CA GLY A 543 11.64 35.12 -11.41
C GLY A 543 10.56 35.89 -12.12
N LYS A 544 10.82 36.36 -13.35
CA LYS A 544 9.84 37.11 -14.10
C LYS A 544 8.65 36.25 -14.55
N SER A 545 8.80 34.92 -14.52
CA SER A 545 7.71 34.03 -14.96
C SER A 545 6.43 34.26 -14.18
N THR A 546 6.53 34.69 -12.91
CA THR A 546 5.34 34.98 -12.13
C THR A 546 4.44 36.02 -12.79
N VAL A 547 5.01 36.90 -13.61
CA VAL A 547 4.20 37.87 -14.33
C VAL A 547 3.15 37.16 -15.17
N ALA A 548 3.54 36.06 -15.82
CA ALA A 548 2.57 35.27 -16.58
C ALA A 548 1.45 34.79 -15.66
N ALA A 549 1.81 34.30 -14.46
CA ALA A 549 0.79 33.93 -13.50
C ALA A 549 -0.07 35.12 -13.11
N LEU A 550 0.54 36.31 -13.04
CA LEU A 550 -0.22 37.51 -12.77
C LEU A 550 -1.18 37.82 -13.91
N LEU A 551 -0.81 37.44 -15.14
CA LEU A 551 -1.69 37.66 -16.28
C LEU A 551 -2.90 36.72 -16.25
N GLN A 552 -2.74 35.55 -15.63
CA GLN A 552 -3.82 34.56 -15.56
C GLN A 552 -4.76 34.79 -14.38
N ASN A 553 -4.56 35.86 -13.61
CA ASN A 553 -5.39 36.18 -12.45
C ASN A 553 -5.32 35.08 -11.39
N LEU A 554 -4.19 34.37 -11.32
CA LEU A 554 -4.02 33.35 -10.29
C LEU A 554 -3.86 33.98 -8.91
N TYR A 555 -3.22 35.15 -8.83
CA TYR A 555 -3.04 35.85 -7.57
C TYR A 555 -3.31 37.34 -7.79
N GLN A 556 -3.99 37.95 -6.83
CA GLN A 556 -4.30 39.37 -6.93
C GLN A 556 -3.02 40.19 -6.81
N PRO A 557 -2.97 41.35 -7.48
CA PRO A 557 -1.78 42.20 -7.38
C PRO A 557 -1.54 42.67 -5.96
N THR A 558 -0.26 42.74 -5.58
CA THR A 558 0.12 43.25 -4.26
C THR A 558 0.08 44.78 -4.20
N GLY A 559 -0.02 45.45 -5.34
CA GLY A 559 -0.09 46.89 -5.36
C GLY A 559 -0.48 47.38 -6.73
N GLY A 560 -1.00 48.62 -6.77
CA GLY A 560 -1.43 49.19 -8.02
C GLY A 560 -2.64 48.46 -8.60
N GLN A 561 -2.68 48.38 -9.92
CA GLN A 561 -3.76 47.71 -10.62
C GLN A 561 -3.23 47.08 -11.90
N LEU A 562 -3.92 46.05 -12.36
CA LEU A 562 -3.58 45.33 -13.59
C LEU A 562 -4.81 45.21 -14.49
N LEU A 563 -5.61 46.26 -14.55
CA LEU A 563 -6.82 46.25 -15.37
C LEU A 563 -6.46 46.15 -16.85
N LEU A 564 -7.23 45.34 -17.58
CA LEU A 564 -7.02 45.14 -19.00
C LEU A 564 -8.35 45.25 -19.73
N ASP A 565 -8.27 45.72 -20.99
CA ASP A 565 -9.45 45.91 -21.85
C ASP A 565 -10.49 46.82 -21.21
N GLY A 566 -10.04 47.80 -20.43
CA GLY A 566 -10.93 48.76 -19.80
C GLY A 566 -11.69 48.24 -18.60
N LYS A 567 -11.35 47.05 -18.11
CA LYS A 567 -12.03 46.47 -16.96
C LYS A 567 -11.02 45.94 -15.96
N PRO A 568 -11.36 45.95 -14.68
CA PRO A 568 -10.43 45.42 -13.66
C PRO A 568 -10.14 43.95 -13.89
N LEU A 569 -8.88 43.56 -13.64
CA LEU A 569 -8.47 42.16 -13.84
C LEU A 569 -9.20 41.19 -12.93
N PRO A 570 -9.30 41.39 -11.62
CA PRO A 570 -9.99 40.41 -10.77
C PRO A 570 -11.49 40.60 -10.64
N GLN A 571 -12.11 41.42 -11.49
CA GLN A 571 -13.54 41.66 -11.40
C GLN A 571 -14.36 40.80 -12.36
N TYR A 572 -13.75 40.28 -13.41
CA TYR A 572 -14.48 39.45 -14.36
C TYR A 572 -14.80 38.09 -13.77
N GLU A 573 -15.78 37.42 -14.36
CA GLU A 573 -16.18 36.09 -13.89
C GLU A 573 -15.06 35.09 -14.13
N HIS A 574 -14.79 34.25 -13.13
CA HIS A 574 -13.70 33.28 -13.23
C HIS A 574 -13.98 32.22 -14.28
N ARG A 575 -15.25 31.84 -14.45
CA ARG A 575 -15.60 30.78 -15.39
C ARG A 575 -15.29 31.17 -16.82
N TYR A 576 -15.61 32.41 -17.20
CA TYR A 576 -15.41 32.84 -18.58
C TYR A 576 -14.01 33.41 -18.82
N LEU A 577 -13.35 33.88 -17.77
CA LEU A 577 -12.01 34.46 -17.96
C LEU A 577 -10.98 33.37 -18.20
N HIS A 578 -11.06 32.25 -17.49
CA HIS A 578 -10.06 31.19 -17.63
C HIS A 578 -10.08 30.57 -19.01
N ARG A 579 -11.18 30.71 -19.76
CA ARG A 579 -11.29 30.16 -21.10
C ARG A 579 -11.02 31.20 -22.19
N GLN A 580 -10.55 32.39 -21.80
CA GLN A 580 -10.24 33.43 -22.78
C GLN A 580 -8.90 34.11 -22.53
N VAL A 581 -8.18 33.76 -21.46
CA VAL A 581 -6.90 34.39 -21.14
C VAL A 581 -5.80 33.38 -20.87
N ALA A 582 -6.10 32.08 -20.89
CA ALA A 582 -5.10 31.06 -20.61
C ALA A 582 -4.43 30.61 -21.91
N ALA A 583 -3.38 29.81 -21.75
CA ALA A 583 -2.62 29.31 -22.89
C ALA A 583 -1.82 28.10 -22.42
N VAL A 584 -0.89 27.65 -23.27
CA VAL A 584 -0.09 26.47 -22.97
C VAL A 584 0.76 26.72 -21.73
N GLY A 585 0.85 25.72 -20.85
CA GLY A 585 1.60 25.85 -19.63
C GLY A 585 3.10 25.73 -19.86
N GLN A 586 3.85 25.99 -18.77
CA GLN A 586 5.30 25.93 -18.84
C GLN A 586 5.83 24.50 -18.85
N GLU A 587 5.03 23.54 -18.40
CA GLU A 587 5.43 22.12 -18.37
C GLU A 587 4.35 21.30 -19.07
N PRO A 588 4.50 21.02 -20.36
CA PRO A 588 3.48 20.25 -21.08
C PRO A 588 3.31 18.85 -20.49
N GLN A 589 2.07 18.40 -20.43
CA GLN A 589 1.75 17.08 -19.90
C GLN A 589 0.41 16.64 -20.46
N VAL A 590 0.15 15.34 -20.40
CA VAL A 590 -1.08 14.74 -20.89
C VAL A 590 -1.71 13.96 -19.74
N PHE A 591 -3.00 14.19 -19.52
CA PHE A 591 -3.72 13.52 -18.46
C PHE A 591 -4.06 12.09 -18.87
N GLY A 592 -4.63 11.33 -17.93
CA GLY A 592 -5.01 9.97 -18.18
C GLY A 592 -6.31 9.77 -18.91
N ARG A 593 -7.01 10.85 -19.24
CA ARG A 593 -8.27 10.76 -19.96
C ARG A 593 -8.02 10.49 -21.44
N SER A 594 -9.10 10.40 -22.21
CA SER A 594 -8.99 10.17 -23.65
C SER A 594 -8.36 11.38 -24.33
N LEU A 595 -7.70 11.12 -25.46
CA LEU A 595 -7.05 12.19 -26.20
C LEU A 595 -8.06 13.24 -26.67
N GLN A 596 -9.23 12.79 -27.15
CA GLN A 596 -10.27 13.73 -27.54
C GLN A 596 -10.73 14.59 -26.37
N GLU A 597 -10.59 14.08 -25.14
CA GLU A 597 -10.86 14.85 -23.94
C GLU A 597 -9.63 15.51 -23.36
N ASN A 598 -8.45 14.89 -23.52
CA ASN A 598 -7.22 15.50 -23.01
C ASN A 598 -6.90 16.79 -23.75
N ILE A 599 -7.14 16.83 -25.07
CA ILE A 599 -6.85 18.03 -25.85
C ILE A 599 -7.91 19.11 -25.68
N ALA A 600 -8.91 18.88 -24.84
CA ALA A 600 -9.95 19.88 -24.58
C ALA A 600 -10.32 19.93 -23.10
N TYR A 601 -9.35 19.71 -22.22
CA TYR A 601 -9.64 19.68 -20.79
C TYR A 601 -10.09 21.05 -20.31
N GLY A 602 -10.92 21.05 -19.26
CA GLY A 602 -11.42 22.29 -18.71
C GLY A 602 -12.42 23.02 -19.57
N LEU A 603 -13.08 22.30 -20.49
CA LEU A 603 -14.05 22.90 -21.41
C LEU A 603 -15.46 22.70 -20.87
N THR A 604 -16.25 23.78 -20.84
CA THR A 604 -17.64 23.67 -20.42
C THR A 604 -18.45 22.80 -21.38
N GLN A 605 -18.22 22.97 -22.68
CA GLN A 605 -18.92 22.20 -23.71
C GLN A 605 -17.89 21.47 -24.56
N LYS A 606 -18.11 20.18 -24.76
CA LYS A 606 -17.18 19.38 -25.54
C LYS A 606 -17.20 19.83 -27.00
N PRO A 607 -16.03 20.13 -27.59
CA PRO A 607 -16.02 20.57 -28.99
C PRO A 607 -16.34 19.42 -29.94
N THR A 608 -16.81 19.81 -31.13
CA THR A 608 -17.12 18.84 -32.16
C THR A 608 -15.83 18.27 -32.76
N MET A 609 -15.97 17.17 -33.49
CA MET A 609 -14.81 16.52 -34.11
C MET A 609 -14.15 17.45 -35.12
N GLU A 610 -14.95 18.14 -35.94
CA GLU A 610 -14.39 19.07 -36.92
C GLU A 610 -13.66 20.21 -36.23
N GLU A 611 -14.24 20.76 -35.15
CA GLU A 611 -13.59 21.85 -34.43
C GLU A 611 -12.28 21.39 -33.80
N ILE A 612 -12.27 20.19 -33.21
CA ILE A 612 -11.05 19.66 -32.60
C ILE A 612 -9.98 19.44 -33.67
N THR A 613 -10.38 18.89 -34.82
CA THR A 613 -9.42 18.68 -35.90
C THR A 613 -8.85 20.00 -36.40
N ALA A 614 -9.70 21.02 -36.55
CA ALA A 614 -9.23 22.33 -36.99
C ALA A 614 -8.27 22.94 -35.98
N ALA A 615 -8.59 22.82 -34.69
CA ALA A 615 -7.70 23.35 -33.66
C ALA A 615 -6.36 22.63 -33.66
N ALA A 616 -6.37 21.31 -33.84
CA ALA A 616 -5.13 20.57 -33.90
C ALA A 616 -4.31 20.95 -35.13
N VAL A 617 -4.97 21.13 -36.27
CA VAL A 617 -4.26 21.50 -37.49
C VAL A 617 -3.64 22.88 -37.36
N LYS A 618 -4.39 23.83 -36.78
CA LYS A 618 -3.84 25.16 -36.56
C LYS A 618 -2.64 25.12 -35.62
N SER A 619 -2.63 24.19 -34.68
CA SER A 619 -1.50 23.99 -33.77
C SER A 619 -0.53 22.93 -34.27
N GLY A 620 -0.79 22.34 -35.43
CA GLY A 620 0.08 21.29 -35.96
C GLY A 620 -0.12 19.93 -35.35
N ALA A 621 -1.13 19.76 -34.50
CA ALA A 621 -1.39 18.49 -33.82
C ALA A 621 -2.29 17.55 -34.62
N HIS A 622 -2.72 17.97 -35.81
CA HIS A 622 -3.56 17.08 -36.63
C HIS A 622 -2.80 15.84 -37.07
N SER A 623 -1.52 16.00 -37.42
CA SER A 623 -0.71 14.85 -37.81
C SER A 623 -0.56 13.87 -36.66
N PHE A 624 -0.34 14.37 -35.45
CA PHE A 624 -0.21 13.49 -34.29
C PHE A 624 -1.51 12.73 -34.02
N ILE A 625 -2.65 13.41 -34.18
CA ILE A 625 -3.94 12.75 -33.97
C ILE A 625 -4.16 11.68 -35.03
N SER A 626 -3.86 12.00 -36.29
CA SER A 626 -4.07 11.03 -37.37
C SER A 626 -3.15 9.82 -37.21
N GLY A 627 -1.90 10.05 -36.82
CA GLY A 627 -0.96 8.95 -36.65
C GLY A 627 -1.22 8.09 -35.43
N LEU A 628 -1.91 8.63 -34.44
CA LEU A 628 -2.24 7.84 -33.26
C LEU A 628 -3.27 6.77 -33.61
N PRO A 629 -3.13 5.57 -33.06
CA PRO A 629 -4.10 4.50 -33.38
C PRO A 629 -5.48 4.81 -32.83
N GLN A 630 -6.49 4.28 -33.53
CA GLN A 630 -7.89 4.40 -33.15
C GLN A 630 -8.37 5.85 -33.13
N GLY A 631 -7.67 6.75 -33.82
CA GLY A 631 -8.10 8.12 -33.91
C GLY A 631 -8.05 8.85 -32.56
N TYR A 632 -8.94 9.83 -32.42
CA TYR A 632 -9.02 10.62 -31.20
C TYR A 632 -9.57 9.84 -30.02
N ASP A 633 -10.16 8.67 -30.25
CA ASP A 633 -10.73 7.87 -29.16
C ASP A 633 -9.66 7.20 -28.29
N THR A 634 -8.41 7.21 -28.72
CA THR A 634 -7.34 6.60 -27.93
C THR A 634 -7.12 7.38 -26.64
N GLU A 635 -6.78 6.67 -25.57
CA GLU A 635 -6.56 7.26 -24.27
C GLU A 635 -5.06 7.35 -24.00
N VAL A 636 -4.59 8.56 -23.69
CA VAL A 636 -3.17 8.77 -23.41
C VAL A 636 -2.83 8.20 -22.03
N ASP A 637 -1.56 7.87 -21.84
CA ASP A 637 -1.11 7.30 -20.58
C ASP A 637 -1.20 8.34 -19.46
N GLU A 638 -1.43 7.85 -18.24
CA GLU A 638 -1.60 8.73 -17.10
C GLU A 638 -0.31 9.50 -16.81
N ALA A 639 -0.45 10.80 -16.55
CA ALA A 639 0.67 11.67 -16.20
C ALA A 639 1.78 11.65 -17.24
N GLY A 640 1.42 11.47 -18.52
CA GLY A 640 2.40 11.43 -19.58
C GLY A 640 3.38 10.28 -19.47
N SER A 641 2.88 9.09 -19.10
CA SER A 641 3.78 7.95 -18.93
C SER A 641 4.36 7.48 -20.26
N GLN A 642 3.60 7.58 -21.35
CA GLN A 642 4.05 7.14 -22.66
C GLN A 642 4.06 8.28 -23.67
N LEU A 643 4.10 9.52 -23.20
CA LEU A 643 4.07 10.68 -24.09
C LEU A 643 5.46 10.99 -24.63
N SER A 644 5.50 11.97 -25.54
CA SER A 644 6.74 12.45 -26.12
C SER A 644 6.75 13.97 -26.09
N GLY A 645 7.95 14.54 -26.19
CA GLY A 645 8.08 15.99 -26.09
C GLY A 645 7.32 16.73 -27.18
N GLY A 646 7.48 16.27 -28.42
CA GLY A 646 6.74 16.89 -29.52
C GLY A 646 5.24 16.69 -29.40
N GLN A 647 4.83 15.47 -29.06
CA GLN A 647 3.40 15.20 -28.87
C GLN A 647 2.83 16.03 -27.72
N ARG A 648 3.58 16.13 -26.62
CA ARG A 648 3.13 16.93 -25.48
C ARG A 648 3.00 18.40 -25.86
N GLN A 649 3.98 18.92 -26.61
CA GLN A 649 3.90 20.32 -27.05
C GLN A 649 2.72 20.54 -27.97
N ALA A 650 2.47 19.62 -28.89
CA ALA A 650 1.32 19.74 -29.79
C ALA A 650 0.01 19.70 -29.02
N VAL A 651 -0.08 18.80 -28.03
CA VAL A 651 -1.30 18.70 -27.24
C VAL A 651 -1.52 19.97 -26.43
N ALA A 652 -0.45 20.53 -25.86
CA ALA A 652 -0.57 21.77 -25.11
C ALA A 652 -1.02 22.92 -26.01
N LEU A 653 -0.44 23.01 -27.21
CA LEU A 653 -0.84 24.06 -28.14
C LEU A 653 -2.30 23.91 -28.55
N ALA A 654 -2.75 22.68 -28.78
CA ALA A 654 -4.14 22.45 -29.13
C ALA A 654 -5.07 22.82 -27.98
N ARG A 655 -4.71 22.45 -26.76
CA ARG A 655 -5.52 22.81 -25.60
C ARG A 655 -5.57 24.31 -25.40
N ALA A 656 -4.48 25.01 -25.72
CA ALA A 656 -4.47 26.47 -25.62
C ALA A 656 -5.37 27.09 -26.68
N LEU A 657 -5.25 26.64 -27.94
CA LEU A 657 -5.93 27.29 -29.04
C LEU A 657 -7.37 26.83 -29.24
N ILE A 658 -7.82 25.80 -28.52
CA ILE A 658 -9.19 25.33 -28.70
C ILE A 658 -10.19 26.39 -28.24
N ARG A 659 -9.86 27.14 -27.19
CA ARG A 659 -10.78 28.08 -26.57
C ARG A 659 -10.79 29.45 -27.25
N LYS A 660 -9.96 29.65 -28.28
CA LYS A 660 -9.82 30.93 -28.96
C LYS A 660 -9.51 32.03 -27.95
N PRO A 661 -8.34 32.00 -27.32
CA PRO A 661 -8.04 32.97 -26.26
C PRO A 661 -7.88 34.38 -26.79
N CYS A 662 -8.21 35.34 -25.93
CA CYS A 662 -8.00 36.75 -26.22
C CYS A 662 -6.65 37.26 -25.74
N VAL A 663 -5.83 36.38 -25.16
CA VAL A 663 -4.47 36.72 -24.75
C VAL A 663 -3.65 35.43 -24.74
N LEU A 664 -2.37 35.55 -25.09
CA LEU A 664 -1.48 34.41 -25.18
C LEU A 664 -0.39 34.52 -24.12
N ILE A 665 -0.25 33.46 -23.32
CA ILE A 665 0.77 33.41 -22.27
C ILE A 665 1.65 32.19 -22.51
N LEU A 666 1.81 31.80 -23.78
CA LEU A 666 2.60 30.63 -24.11
C LEU A 666 4.08 30.87 -23.81
N ASP A 667 4.69 29.94 -23.08
CA ASP A 667 6.10 30.05 -22.73
C ASP A 667 6.64 28.66 -22.41
N ASP A 668 7.92 28.46 -22.74
CA ASP A 668 8.63 27.22 -22.45
C ASP A 668 8.04 26.02 -23.19
N ALA A 669 7.05 26.27 -24.06
CA ALA A 669 6.48 25.18 -24.84
C ALA A 669 7.48 24.62 -25.84
N THR A 670 8.23 25.50 -26.51
CA THR A 670 9.25 25.04 -27.46
C THR A 670 10.50 24.54 -26.78
N SER A 671 10.72 24.89 -25.51
CA SER A 671 11.88 24.38 -24.79
C SER A 671 11.81 22.86 -24.64
N ALA A 672 10.63 22.34 -24.30
CA ALA A 672 10.45 20.89 -24.25
C ALA A 672 10.29 20.30 -25.64
N LEU A 673 9.84 21.10 -26.61
CA LEU A 673 9.65 20.62 -27.97
C LEU A 673 10.97 20.58 -28.72
N ASP A 674 10.95 19.93 -29.88
CA ASP A 674 12.15 19.79 -30.71
C ASP A 674 12.36 21.05 -31.54
N ALA A 675 13.51 21.08 -32.23
CA ALA A 675 13.83 22.23 -33.08
C ALA A 675 12.84 22.36 -34.23
N ASN A 676 12.49 21.24 -34.86
CA ASN A 676 11.51 21.28 -35.94
C ASN A 676 10.14 21.71 -35.42
N SER A 677 9.73 21.19 -34.26
CA SER A 677 8.46 21.59 -33.67
C SER A 677 8.49 23.08 -33.29
N GLN A 678 9.60 23.55 -32.75
CA GLN A 678 9.71 24.98 -32.42
C GLN A 678 9.62 25.84 -33.67
N LEU A 679 10.28 25.44 -34.75
CA LEU A 679 10.20 26.19 -36.00
C LEU A 679 8.78 26.19 -36.55
N GLN A 680 8.09 25.04 -36.48
CA GLN A 680 6.71 24.98 -36.93
C GLN A 680 5.80 25.87 -36.10
N VAL A 681 6.01 25.89 -34.78
CA VAL A 681 5.19 26.74 -33.91
C VAL A 681 5.44 28.21 -34.22
N GLU A 682 6.70 28.59 -34.43
CA GLU A 682 7.01 29.98 -34.77
C GLU A 682 6.40 30.36 -36.11
N GLN A 683 6.47 29.47 -37.10
CA GLN A 683 5.89 29.75 -38.41
C GLN A 683 4.37 29.89 -38.30
N LEU A 684 3.72 29.03 -37.52
CA LEU A 684 2.28 29.13 -37.34
C LEU A 684 1.90 30.43 -36.64
N LEU A 685 2.67 30.84 -35.64
CA LEU A 685 2.40 32.09 -34.94
C LEU A 685 2.57 33.28 -35.87
N TYR A 686 3.59 33.25 -36.73
CA TYR A 686 3.83 34.36 -37.64
C TYR A 686 2.85 34.38 -38.81
N GLU A 687 2.31 33.23 -39.19
CA GLU A 687 1.42 33.11 -40.34
C GLU A 687 -0.05 33.23 -39.98
N SER A 688 -0.37 33.51 -38.72
CA SER A 688 -1.76 33.66 -38.33
C SER A 688 -2.38 34.88 -39.01
N PRO A 689 -3.70 34.87 -39.22
CA PRO A 689 -4.33 36.00 -39.94
C PRO A 689 -4.14 37.31 -39.19
N GLU A 690 -3.45 38.25 -39.85
CA GLU A 690 -3.15 39.56 -39.29
C GLU A 690 -2.47 39.43 -37.93
N ARG A 691 -1.47 38.54 -37.86
CA ARG A 691 -0.77 38.23 -36.62
C ARG A 691 -1.74 37.78 -35.55
N TYR A 692 -2.70 36.94 -35.94
CA TYR A 692 -3.71 36.33 -35.06
C TYR A 692 -4.75 37.35 -34.60
N SER A 693 -4.56 38.62 -34.96
CA SER A 693 -5.50 39.68 -34.62
C SER A 693 -5.79 39.72 -33.12
N ARG A 694 -4.78 39.40 -32.30
CA ARG A 694 -4.95 39.35 -30.86
C ARG A 694 -3.60 39.58 -30.21
N SER A 695 -3.61 39.68 -28.88
CA SER A 695 -2.42 40.00 -28.11
C SER A 695 -1.68 38.73 -27.72
N VAL A 696 -0.37 38.73 -27.91
CA VAL A 696 0.50 37.64 -27.49
C VAL A 696 1.67 38.23 -26.73
N LEU A 697 1.94 37.69 -25.54
CA LEU A 697 3.04 38.14 -24.68
C LEU A 697 3.93 36.97 -24.31
N LEU A 698 4.31 36.20 -25.32
CA LEU A 698 5.06 34.96 -25.09
C LEU A 698 6.41 35.25 -24.47
N ILE A 699 6.77 34.47 -23.45
CA ILE A 699 8.10 34.52 -22.84
C ILE A 699 8.93 33.47 -23.54
N THR A 700 9.54 33.84 -24.66
CA THR A 700 10.30 32.91 -25.47
C THR A 700 11.64 32.58 -24.81
N GLN A 701 12.16 31.40 -25.12
CA GLN A 701 13.47 30.96 -24.63
C GLN A 701 14.58 31.12 -25.65
N HIS A 702 14.25 31.31 -26.92
CA HIS A 702 15.23 31.46 -27.99
C HIS A 702 14.98 32.78 -28.73
N LEU A 703 16.07 33.43 -29.15
CA LEU A 703 15.98 34.71 -29.82
C LEU A 703 15.35 34.62 -31.21
N SER A 704 15.22 33.40 -31.77
CA SER A 704 14.61 33.26 -33.09
C SER A 704 13.16 33.75 -33.07
N LEU A 705 12.41 33.42 -32.01
CA LEU A 705 11.05 33.92 -31.90
C LEU A 705 11.02 35.41 -31.59
N VAL A 706 11.99 35.90 -30.82
CA VAL A 706 12.04 37.31 -30.46
C VAL A 706 12.53 38.19 -31.60
N GLU A 707 13.03 37.60 -32.68
CA GLU A 707 13.50 38.40 -33.81
C GLU A 707 12.36 39.20 -34.44
N GLN A 708 11.18 38.58 -34.57
CA GLN A 708 10.02 39.22 -35.17
C GLN A 708 9.13 39.90 -34.13
N ALA A 709 9.66 40.18 -32.94
CA ALA A 709 8.86 40.80 -31.90
C ALA A 709 8.51 42.23 -32.26
N ASP A 710 7.28 42.64 -31.94
CA ASP A 710 6.86 44.01 -32.19
C ASP A 710 7.66 44.99 -31.33
N HIS A 711 7.86 44.66 -30.06
CA HIS A 711 8.65 45.51 -29.16
C HIS A 711 9.20 44.62 -28.06
N ILE A 712 10.47 44.24 -28.19
CA ILE A 712 11.13 43.42 -27.18
C ILE A 712 11.41 44.25 -25.94
N LEU A 713 11.52 43.59 -24.80
CA LEU A 713 11.78 44.28 -23.54
C LEU A 713 12.53 43.34 -22.60
N PHE A 714 13.31 43.95 -21.70
CA PHE A 714 14.06 43.24 -20.68
C PHE A 714 13.94 43.99 -19.36
N LEU A 715 13.79 43.22 -18.27
CA LEU A 715 13.53 43.77 -16.96
C LEU A 715 14.69 43.46 -16.02
N GLU A 716 14.90 44.35 -15.05
CA GLU A 716 15.93 44.16 -14.04
C GLU A 716 15.53 44.92 -12.78
N GLY A 717 15.78 44.31 -11.63
CA GLY A 717 15.41 44.93 -10.37
C GLY A 717 13.92 44.98 -10.10
N GLY A 718 13.16 44.06 -10.69
CA GLY A 718 11.72 44.02 -10.52
C GLY A 718 10.93 44.92 -11.43
N ALA A 719 11.58 45.60 -12.38
CA ALA A 719 10.88 46.47 -13.31
C ALA A 719 11.59 46.41 -14.66
N ILE A 720 10.86 46.79 -15.70
CA ILE A 720 11.42 46.80 -17.05
C ILE A 720 12.52 47.84 -17.13
N ARG A 721 13.72 47.41 -17.54
CA ARG A 721 14.88 48.29 -17.57
C ARG A 721 15.34 48.65 -18.97
N GLU A 722 14.94 47.91 -20.00
CA GLU A 722 15.32 48.23 -21.36
C GLU A 722 14.27 47.68 -22.31
N GLY A 723 14.28 48.19 -23.54
CA GLY A 723 13.34 47.69 -24.53
C GLY A 723 13.48 48.45 -25.82
N GLY A 724 12.65 48.06 -26.79
CA GLY A 724 12.60 48.68 -28.09
C GLY A 724 12.46 47.64 -29.18
N THR A 725 12.68 48.08 -30.42
CA THR A 725 12.59 47.19 -31.56
C THR A 725 13.70 46.15 -31.52
N HIS A 726 13.39 44.95 -32.02
CA HIS A 726 14.36 43.87 -32.03
C HIS A 726 15.57 44.22 -32.90
N GLN A 727 15.33 44.82 -34.07
CA GLN A 727 16.44 45.25 -34.92
C GLN A 727 17.26 46.34 -34.25
N GLN A 728 16.59 47.31 -33.61
CA GLN A 728 17.31 48.35 -32.88
C GLN A 728 18.07 47.77 -31.69
N LEU A 729 17.45 46.83 -30.98
CA LEU A 729 18.11 46.23 -29.82
C LEU A 729 19.33 45.45 -30.22
N MET A 730 19.27 44.70 -31.32
CA MET A 730 20.38 43.88 -31.78
C MET A 730 21.44 44.68 -32.53
N GLU A 731 21.19 45.95 -32.83
CA GLU A 731 22.14 46.80 -33.54
C GLU A 731 22.47 48.05 -32.75
N LYS A 732 22.60 47.90 -31.43
CA LYS A 732 22.91 49.02 -30.55
C LYS A 732 23.51 48.45 -29.26
N LYS A 733 23.57 49.28 -28.22
CA LYS A 733 24.07 48.88 -26.92
C LYS A 733 23.04 48.15 -26.06
N GLY A 734 21.96 47.67 -26.67
CA GLY A 734 20.92 47.00 -25.91
C GLY A 734 21.33 45.61 -25.45
N CYS A 735 20.45 45.02 -24.63
CA CYS A 735 20.74 43.71 -24.05
C CYS A 735 20.76 42.63 -25.12
N TYR A 736 19.89 42.74 -26.14
CA TYR A 736 19.82 41.72 -27.17
C TYR A 736 21.13 41.62 -27.95
N TRP A 737 21.70 42.77 -28.32
CA TRP A 737 22.96 42.76 -29.06
C TRP A 737 24.09 42.20 -28.19
N ALA A 738 24.11 42.54 -26.91
CA ALA A 738 25.14 42.01 -26.02
C ALA A 738 25.02 40.50 -25.89
N MET A 739 23.79 39.99 -25.76
CA MET A 739 23.59 38.55 -25.68
C MET A 739 23.99 37.84 -26.97
N VAL A 740 23.66 38.46 -28.12
CA VAL A 740 24.03 37.86 -29.40
C VAL A 740 25.54 37.81 -29.57
N GLN A 741 26.22 38.91 -29.25
CA GLN A 741 27.67 38.96 -29.38
C GLN A 741 28.36 38.00 -28.41
N ALA A 742 27.86 37.90 -27.18
CA ALA A 742 28.45 37.02 -26.17
C ALA A 742 28.16 35.56 -26.51
N GLN B 131 -6.98 -30.13 -9.58
CA GLN B 131 -5.93 -30.57 -10.49
C GLN B 131 -4.78 -31.21 -9.72
N VAL B 132 -3.82 -31.77 -10.46
CA VAL B 132 -2.64 -32.35 -9.84
C VAL B 132 -1.66 -31.27 -9.40
N ASN B 133 -1.80 -30.04 -9.92
CA ASN B 133 -0.92 -28.95 -9.49
C ASN B 133 -1.11 -28.65 -8.01
N ASN B 134 -2.35 -28.74 -7.52
CA ASN B 134 -2.59 -28.54 -6.10
C ASN B 134 -1.90 -29.61 -5.27
N LYS B 135 -1.92 -30.86 -5.73
CA LYS B 135 -1.24 -31.93 -5.01
C LYS B 135 0.27 -31.70 -5.01
N VAL B 136 0.82 -31.24 -6.14
CA VAL B 136 2.25 -30.93 -6.20
C VAL B 136 2.61 -29.83 -5.21
N LEU B 137 1.79 -28.77 -5.17
CA LEU B 137 2.06 -27.68 -4.24
C LEU B 137 1.95 -28.14 -2.79
N MET B 138 0.96 -28.98 -2.49
CA MET B 138 0.80 -29.50 -1.15
C MET B 138 2.00 -30.35 -0.74
N TRP B 139 2.50 -31.17 -1.66
CA TRP B 139 3.69 -31.98 -1.36
C TRP B 139 4.91 -31.09 -1.14
N ARG B 140 5.06 -30.05 -1.94
CA ARG B 140 6.19 -29.13 -1.74
C ARG B 140 6.08 -28.43 -0.39
N LEU B 141 4.87 -28.03 0.01
CA LEU B 141 4.70 -27.38 1.30
C LEU B 141 4.94 -28.34 2.45
N LEU B 142 4.59 -29.61 2.28
CA LEU B 142 4.94 -30.62 3.29
C LEU B 142 6.45 -30.78 3.40
N LYS B 143 7.14 -30.84 2.26
CA LYS B 143 8.58 -31.04 2.29
C LYS B 143 9.31 -29.82 2.84
N LEU B 144 8.74 -28.63 2.68
CA LEU B 144 9.37 -27.43 3.24
C LEU B 144 9.40 -27.47 4.76
N SER B 145 8.47 -28.18 5.39
CA SER B 145 8.37 -28.25 6.84
C SER B 145 8.98 -29.52 7.41
N ARG B 146 9.89 -30.15 6.68
CA ARG B 146 10.52 -31.38 7.18
C ARG B 146 11.32 -31.20 8.47
N PRO B 147 12.11 -30.15 8.67
CA PRO B 147 12.89 -30.02 9.91
C PRO B 147 12.09 -29.63 11.13
N ASP B 148 10.76 -29.70 11.10
CA ASP B 148 9.93 -29.36 12.24
C ASP B 148 9.23 -30.57 12.85
N LEU B 149 9.83 -31.76 12.72
CA LEU B 149 9.23 -32.96 13.30
C LEU B 149 9.12 -32.91 14.82
N PRO B 150 10.17 -32.56 15.58
CA PRO B 150 10.03 -32.59 17.05
C PRO B 150 8.99 -31.63 17.59
N LEU B 151 8.66 -30.57 16.86
CA LEU B 151 7.60 -29.66 17.29
C LEU B 151 6.24 -30.12 16.83
N LEU B 152 6.13 -30.61 15.59
CA LEU B 152 4.85 -31.06 15.09
C LEU B 152 4.35 -32.28 15.84
N VAL B 153 5.25 -33.16 16.27
CA VAL B 153 4.83 -34.33 17.04
C VAL B 153 4.18 -33.91 18.36
N ALA B 154 4.83 -32.99 19.07
CA ALA B 154 4.27 -32.51 20.33
C ALA B 154 2.95 -31.79 20.10
N ALA B 155 2.87 -30.99 19.04
CA ALA B 155 1.63 -30.27 18.75
C ALA B 155 0.49 -31.23 18.46
N PHE B 156 0.73 -32.25 17.63
CA PHE B 156 -0.31 -33.20 17.26
C PHE B 156 -0.61 -34.19 18.37
N PHE B 157 0.23 -34.27 19.39
CA PHE B 157 -0.12 -35.03 20.60
C PHE B 157 -0.99 -34.21 21.53
N PHE B 158 -0.61 -32.95 21.77
CA PHE B 158 -1.40 -32.09 22.65
C PHE B 158 -2.78 -31.81 22.07
N LEU B 159 -2.88 -31.67 20.75
CA LEU B 159 -4.17 -31.45 20.12
C LEU B 159 -5.12 -32.60 20.40
N VAL B 160 -4.63 -33.84 20.22
CA VAL B 160 -5.45 -35.02 20.46
C VAL B 160 -5.87 -35.09 21.92
N LEU B 161 -4.92 -34.83 22.83
CA LEU B 161 -5.27 -34.86 24.25
C LEU B 161 -6.36 -33.84 24.57
N ALA B 162 -6.23 -32.62 24.05
CA ALA B 162 -7.20 -31.57 24.34
C ALA B 162 -8.58 -31.92 23.80
N VAL B 163 -8.63 -32.43 22.56
CA VAL B 163 -9.93 -32.78 21.97
C VAL B 163 -10.59 -33.89 22.77
N LEU B 164 -9.83 -34.94 23.11
CA LEU B 164 -10.39 -36.04 23.87
C LEU B 164 -10.85 -35.58 25.25
N GLY B 165 -10.15 -34.64 25.87
CA GLY B 165 -10.59 -34.11 27.15
C GLY B 165 -11.88 -33.32 27.03
N GLU B 166 -11.98 -32.45 26.03
CA GLU B 166 -13.17 -31.62 25.87
C GLU B 166 -14.39 -32.39 25.41
N THR B 167 -14.23 -33.57 24.82
CA THR B 167 -15.40 -34.31 24.35
C THR B 167 -16.24 -34.86 25.51
N LEU B 168 -15.59 -35.27 26.60
CA LEU B 168 -16.23 -36.14 27.59
C LEU B 168 -16.88 -35.41 28.76
N ILE B 169 -16.76 -34.08 28.86
CA ILE B 169 -17.28 -33.39 30.05
C ILE B 169 -18.79 -33.47 30.16
N PRO B 170 -19.59 -33.14 29.13
CA PRO B 170 -21.05 -33.16 29.30
C PRO B 170 -21.61 -34.52 29.70
N HIS B 171 -20.96 -35.61 29.30
CA HIS B 171 -21.42 -36.94 29.73
C HIS B 171 -21.34 -37.07 31.24
N TYR B 172 -20.24 -36.64 31.85
CA TYR B 172 -20.13 -36.70 33.30
C TYR B 172 -21.05 -35.70 33.97
N SER B 173 -21.29 -34.55 33.33
CA SER B 173 -22.28 -33.62 33.88
C SER B 173 -23.66 -34.25 33.95
N GLY B 174 -24.05 -34.93 32.86
CA GLY B 174 -25.34 -35.61 32.85
C GLY B 174 -25.42 -36.73 33.86
N ARG B 175 -24.34 -37.49 34.02
CA ARG B 175 -24.37 -38.56 35.02
C ARG B 175 -24.43 -38.00 36.44
N VAL B 176 -23.79 -36.87 36.69
CA VAL B 176 -23.91 -36.22 37.99
C VAL B 176 -25.35 -35.78 38.24
N ILE B 177 -25.98 -35.18 37.22
CA ILE B 177 -27.37 -34.75 37.36
C ILE B 177 -28.27 -35.95 37.65
N ASP B 178 -28.05 -37.06 36.95
CA ASP B 178 -28.84 -38.26 37.19
C ASP B 178 -28.61 -38.82 38.59
N ILE B 179 -27.36 -38.79 39.07
CA ILE B 179 -27.05 -39.34 40.39
C ILE B 179 -27.71 -38.50 41.48
N LEU B 180 -27.72 -37.18 41.32
CA LEU B 180 -28.29 -36.31 42.35
C LEU B 180 -29.78 -36.61 42.56
N GLY B 181 -30.53 -36.81 41.49
CA GLY B 181 -31.95 -37.09 41.58
C GLY B 181 -32.26 -38.42 42.23
N ASP B 185 -25.61 -42.55 47.26
CA ASP B 185 -24.35 -43.21 46.93
C ASP B 185 -23.24 -42.18 46.76
N PRO B 186 -22.55 -41.86 47.87
CA PRO B 186 -21.47 -40.85 47.79
C PRO B 186 -20.33 -41.24 46.89
N HIS B 187 -20.04 -42.54 46.76
CA HIS B 187 -18.86 -42.97 46.01
C HIS B 187 -18.96 -42.59 44.53
N ALA B 188 -20.10 -42.91 43.90
CA ALA B 188 -20.27 -42.60 42.48
C ALA B 188 -20.27 -41.09 42.24
N PHE B 189 -20.92 -40.33 43.13
CA PHE B 189 -20.94 -38.88 43.00
C PHE B 189 -19.52 -38.31 43.08
N ALA B 190 -18.76 -38.75 44.06
CA ALA B 190 -17.38 -38.26 44.21
C ALA B 190 -16.53 -38.64 43.01
N SER B 191 -16.67 -39.88 42.52
CA SER B 191 -15.90 -40.32 41.36
C SER B 191 -16.23 -39.46 40.14
N ALA B 192 -17.51 -39.23 39.89
CA ALA B 192 -17.90 -38.43 38.73
C ALA B 192 -17.38 -37.01 38.84
N ILE B 193 -17.48 -36.40 40.02
CA ILE B 193 -17.01 -35.03 40.19
C ILE B 193 -15.51 -34.94 39.96
N PHE B 194 -14.76 -35.88 40.54
CA PHE B 194 -13.31 -35.87 40.37
C PHE B 194 -12.92 -36.06 38.91
N PHE B 195 -13.58 -36.99 38.21
CA PHE B 195 -13.25 -37.21 36.81
C PHE B 195 -13.55 -35.99 35.97
N MET B 196 -14.69 -35.33 36.21
CA MET B 196 -15.02 -34.13 35.46
C MET B 196 -13.98 -33.04 35.68
N CYS B 197 -13.58 -32.82 36.93
CA CYS B 197 -12.58 -31.79 37.22
C CYS B 197 -11.25 -32.12 36.56
N LEU B 198 -10.82 -33.38 36.63
CA LEU B 198 -9.54 -33.77 36.04
C LEU B 198 -9.55 -33.55 34.54
N PHE B 199 -10.63 -33.96 33.87
CA PHE B 199 -10.69 -33.78 32.42
C PHE B 199 -10.69 -32.31 32.05
N SER B 200 -11.45 -31.49 32.78
CA SER B 200 -11.47 -30.06 32.49
C SER B 200 -10.07 -29.46 32.60
N PHE B 201 -9.35 -29.77 33.68
CA PHE B 201 -8.03 -29.19 33.88
C PHE B 201 -7.04 -29.65 32.81
N GLY B 202 -7.06 -30.95 32.50
CA GLY B 202 -6.14 -31.46 31.48
C GLY B 202 -6.38 -30.84 30.12
N SER B 203 -7.66 -30.72 29.74
CA SER B 203 -7.98 -30.08 28.46
C SER B 203 -7.55 -28.62 28.46
N SER B 204 -7.75 -27.92 29.59
CA SER B 204 -7.34 -26.53 29.65
C SER B 204 -5.83 -26.38 29.45
N LEU B 205 -5.04 -27.29 30.01
CA LEU B 205 -3.59 -27.20 29.84
C LEU B 205 -3.18 -27.51 28.40
N SER B 206 -3.74 -28.57 27.83
CA SER B 206 -3.35 -28.98 26.48
C SER B 206 -3.73 -27.93 25.45
N ALA B 207 -4.87 -27.25 25.66
CA ALA B 207 -5.32 -26.24 24.70
C ALA B 207 -4.39 -25.03 24.63
N GLY B 208 -3.49 -24.88 25.59
CA GLY B 208 -2.51 -23.81 25.53
C GLY B 208 -1.16 -24.30 25.04
N CYS B 209 -0.79 -25.51 25.48
CA CYS B 209 0.49 -26.06 25.00
C CYS B 209 0.47 -26.22 23.48
N ARG B 210 -0.63 -26.72 22.93
CA ARG B 210 -0.74 -26.90 21.48
C ARG B 210 -0.59 -25.57 20.75
N GLY B 211 -1.26 -24.53 21.24
CA GLY B 211 -1.18 -23.24 20.59
C GLY B 211 0.22 -22.67 20.60
N GLY B 212 0.92 -22.79 21.73
CA GLY B 212 2.31 -22.32 21.78
C GLY B 212 3.19 -23.04 20.78
N CYS B 213 3.08 -24.37 20.73
CA CYS B 213 3.91 -25.13 19.79
C CYS B 213 3.62 -24.74 18.35
N PHE B 214 2.35 -24.58 18.00
CA PHE B 214 2.01 -24.26 16.63
C PHE B 214 2.46 -22.85 16.25
N THR B 215 2.37 -21.90 17.19
CA THR B 215 2.88 -20.56 16.90
C THR B 215 4.37 -20.58 16.62
N TYR B 216 5.14 -21.31 17.43
CA TYR B 216 6.58 -21.39 17.19
C TYR B 216 6.87 -22.04 15.83
N THR B 217 6.14 -23.10 15.48
CA THR B 217 6.36 -23.75 14.19
C THR B 217 6.08 -22.80 13.04
N MET B 218 5.00 -22.04 13.14
CA MET B 218 4.66 -21.10 12.09
C MET B 218 5.79 -20.09 11.91
N SER B 219 6.25 -19.51 13.00
CA SER B 219 7.32 -18.52 12.91
C SER B 219 8.55 -19.11 12.25
N ARG B 220 8.93 -20.34 12.63
CA ARG B 220 10.10 -20.96 12.04
C ARG B 220 9.94 -21.13 10.53
N ILE B 221 8.76 -21.59 10.09
CA ILE B 221 8.54 -21.80 8.67
C ILE B 221 8.63 -20.49 7.91
N ASN B 222 8.05 -19.42 8.46
CA ASN B 222 8.11 -18.12 7.81
C ASN B 222 9.56 -17.65 7.64
N LEU B 223 10.34 -17.70 8.73
CA LEU B 223 11.73 -17.26 8.64
C LEU B 223 12.54 -18.13 7.71
N ARG B 224 12.17 -19.40 7.56
CA ARG B 224 12.91 -20.27 6.64
C ARG B 224 12.59 -19.94 5.18
N ILE B 225 11.31 -19.68 4.87
CA ILE B 225 10.95 -19.45 3.48
C ILE B 225 11.44 -18.09 2.99
N ARG B 226 11.44 -17.08 3.86
CA ARG B 226 11.85 -15.75 3.40
C ARG B 226 13.30 -15.75 2.92
N GLU B 227 14.19 -16.44 3.65
CA GLU B 227 15.60 -16.46 3.27
C GLU B 227 15.81 -17.14 1.91
N GLN B 228 15.13 -18.27 1.68
CA GLN B 228 15.26 -18.93 0.39
C GLN B 228 14.75 -18.05 -0.74
N LEU B 229 13.60 -17.40 -0.53
CA LEU B 229 13.05 -16.54 -1.57
C LEU B 229 14.00 -15.41 -1.91
N PHE B 230 14.59 -14.77 -0.89
CA PHE B 230 15.49 -13.66 -1.16
C PHE B 230 16.79 -14.12 -1.81
N SER B 231 17.34 -15.25 -1.35
CA SER B 231 18.61 -15.72 -1.89
C SER B 231 18.48 -16.33 -3.27
N SER B 232 17.28 -16.69 -3.70
CA SER B 232 17.11 -17.18 -5.07
C SER B 232 16.98 -16.05 -6.07
N LEU B 233 16.51 -14.87 -5.66
CA LEU B 233 16.32 -13.76 -6.59
C LEU B 233 17.62 -13.09 -6.99
N LEU B 234 18.63 -13.11 -6.12
CA LEU B 234 19.87 -12.39 -6.38
C LEU B 234 20.65 -12.95 -7.57
N ARG B 235 20.34 -14.17 -7.99
CA ARG B 235 21.07 -14.80 -9.09
C ARG B 235 20.43 -14.55 -10.45
N GLN B 236 19.33 -13.79 -10.51
CA GLN B 236 18.65 -13.56 -11.78
C GLN B 236 19.41 -12.56 -12.64
N ASP B 237 19.08 -12.56 -13.92
CA ASP B 237 19.67 -11.65 -14.89
C ASP B 237 19.13 -10.24 -14.69
N LEU B 238 19.81 -9.27 -15.29
CA LEU B 238 19.40 -7.88 -15.16
C LEU B 238 18.10 -7.58 -15.91
N GLY B 239 17.78 -8.36 -16.94
CA GLY B 239 16.53 -8.14 -17.66
C GLY B 239 15.31 -8.40 -16.79
N PHE B 240 15.40 -9.39 -15.90
CA PHE B 240 14.29 -9.70 -15.01
C PHE B 240 13.94 -8.50 -14.14
N PHE B 241 14.94 -7.82 -13.61
CA PHE B 241 14.70 -6.64 -12.79
C PHE B 241 14.35 -5.43 -13.65
N GLN B 242 14.84 -5.37 -14.88
CA GLN B 242 14.44 -4.30 -15.79
C GLN B 242 12.96 -4.41 -16.17
N GLU B 243 12.42 -5.62 -16.16
CA GLU B 243 11.03 -5.85 -16.55
C GLU B 243 10.08 -5.83 -15.36
N THR B 244 10.39 -6.59 -14.31
CA THR B 244 9.48 -6.76 -13.19
C THR B 244 9.46 -5.52 -12.30
N LYS B 245 8.26 -5.04 -11.98
CA LYS B 245 8.10 -3.90 -11.11
C LYS B 245 8.44 -4.26 -9.67
N THR B 246 9.07 -3.31 -8.95
CA THR B 246 9.49 -3.57 -7.58
C THR B 246 8.30 -3.84 -6.66
N GLY B 247 7.13 -3.33 -7.00
CA GLY B 247 5.96 -3.59 -6.18
C GLY B 247 5.61 -5.06 -6.09
N GLU B 248 5.73 -5.78 -7.20
CA GLU B 248 5.47 -7.22 -7.18
C GLU B 248 6.47 -7.95 -6.29
N LEU B 249 7.75 -7.58 -6.37
CA LEU B 249 8.75 -8.22 -5.52
C LEU B 249 8.48 -7.94 -4.05
N ASN B 250 8.11 -6.71 -3.72
CA ASN B 250 7.78 -6.39 -2.33
C ASN B 250 6.57 -7.19 -1.86
N SER B 251 5.57 -7.32 -2.73
CA SER B 251 4.37 -8.09 -2.36
C SER B 251 4.71 -9.55 -2.11
N ARG B 252 5.56 -10.13 -2.96
CA ARG B 252 5.96 -11.52 -2.76
C ARG B 252 6.76 -11.68 -1.47
N LEU B 253 7.67 -10.74 -1.19
CA LEU B 253 8.56 -10.89 -0.05
C LEU B 253 7.97 -10.37 1.26
N SER B 254 6.76 -9.80 1.25
CA SER B 254 6.19 -9.27 2.47
C SER B 254 4.83 -9.85 2.81
N SER B 255 3.99 -10.15 1.83
CA SER B 255 2.63 -10.58 2.08
C SER B 255 2.37 -12.05 1.77
N ASP B 256 2.75 -12.52 0.58
CA ASP B 256 2.45 -13.90 0.21
C ASP B 256 3.28 -14.90 1.01
N THR B 257 4.50 -14.52 1.38
CA THR B 257 5.36 -15.40 2.18
C THR B 257 4.81 -15.60 3.58
N THR B 258 3.84 -14.78 4.01
CA THR B 258 3.14 -14.99 5.27
C THR B 258 1.85 -15.77 5.07
N LEU B 259 1.13 -15.51 3.96
CA LEU B 259 -0.09 -16.24 3.68
C LEU B 259 0.20 -17.72 3.46
N MET B 260 1.28 -18.04 2.75
CA MET B 260 1.61 -19.44 2.52
C MET B 260 2.19 -20.13 3.74
N SER B 261 2.51 -19.38 4.79
CA SER B 261 3.08 -19.95 6.01
C SER B 261 2.02 -20.37 7.02
N ASN B 262 0.76 -20.04 6.79
CA ASN B 262 -0.33 -20.43 7.68
C ASN B 262 -0.97 -21.76 7.30
N TRP B 263 -0.47 -22.43 6.26
CA TRP B 263 -1.15 -23.61 5.74
C TRP B 263 -1.17 -24.73 6.75
N LEU B 264 0.00 -25.10 7.28
CA LEU B 264 0.08 -26.21 8.22
C LEU B 264 -0.27 -25.84 9.65
N PRO B 265 0.27 -24.74 10.22
CA PRO B 265 -0.01 -24.46 11.64
C PRO B 265 -1.42 -23.96 11.91
N LEU B 266 -2.13 -23.44 10.93
CA LEU B 266 -3.45 -22.86 11.18
C LEU B 266 -4.57 -23.63 10.50
N ASN B 267 -4.50 -23.83 9.19
CA ASN B 267 -5.62 -24.46 8.48
C ASN B 267 -5.69 -25.96 8.76
N ALA B 268 -4.58 -26.66 8.54
CA ALA B 268 -4.55 -28.11 8.74
C ALA B 268 -4.66 -28.50 10.21
N ASN B 269 -4.54 -27.54 11.12
CA ASN B 269 -4.77 -27.80 12.54
C ASN B 269 -6.25 -27.68 12.87
N VAL B 270 -6.82 -26.51 12.59
CA VAL B 270 -8.26 -26.26 12.90
C VAL B 270 -9.10 -27.31 12.17
N LEU B 271 -8.83 -27.59 10.90
CA LEU B 271 -9.69 -28.54 10.15
C LEU B 271 -9.68 -29.90 10.86
N LEU B 272 -8.49 -30.42 11.19
CA LEU B 272 -8.35 -31.74 11.86
C LEU B 272 -9.19 -31.77 13.14
N ARG B 273 -8.86 -30.94 14.12
CA ARG B 273 -9.58 -30.95 15.42
C ARG B 273 -11.07 -30.76 15.20
N SER B 274 -11.46 -29.79 14.35
CA SER B 274 -12.90 -29.49 14.13
C SER B 274 -13.62 -30.75 13.65
N LEU B 275 -13.05 -31.43 12.65
CA LEU B 275 -13.68 -32.66 12.09
C LEU B 275 -13.72 -33.74 13.17
N VAL B 276 -12.60 -33.98 13.87
CA VAL B 276 -12.53 -35.05 14.90
C VAL B 276 -13.61 -34.77 15.95
N LYS B 277 -13.58 -33.56 16.52
CA LYS B 277 -14.58 -33.18 17.52
C LYS B 277 -15.99 -33.49 17.04
N VAL B 278 -16.30 -33.20 15.77
CA VAL B 278 -17.61 -33.48 15.23
C VAL B 278 -17.90 -34.98 15.25
N VAL B 279 -16.92 -35.79 14.85
CA VAL B 279 -17.13 -37.24 14.86
C VAL B 279 -17.41 -37.73 16.27
N GLY B 280 -16.63 -37.26 17.24
CA GLY B 280 -16.85 -37.69 18.62
C GLY B 280 -18.20 -37.27 19.17
N LEU B 281 -18.61 -36.03 18.91
CA LEU B 281 -19.90 -35.55 19.38
C LEU B 281 -21.04 -36.36 18.79
N TYR B 282 -20.96 -36.68 17.51
CA TYR B 282 -22.05 -37.44 16.90
C TYR B 282 -22.05 -38.86 17.43
N GLY B 283 -20.87 -39.44 17.66
CA GLY B 283 -20.85 -40.77 18.27
C GLY B 283 -21.54 -40.79 19.62
N PHE B 284 -21.24 -39.80 20.46
CA PHE B 284 -21.90 -39.73 21.76
C PHE B 284 -23.41 -39.53 21.62
N MET B 285 -23.81 -38.66 20.68
CA MET B 285 -25.24 -38.41 20.48
C MET B 285 -25.96 -39.68 20.02
N LEU B 286 -25.34 -40.43 19.11
CA LEU B 286 -25.95 -41.69 18.67
C LEU B 286 -26.03 -42.67 19.83
N SER B 287 -25.01 -42.69 20.69
CA SER B 287 -25.05 -43.57 21.84
C SER B 287 -26.20 -43.23 22.79
N ILE B 288 -26.42 -41.94 23.05
CA ILE B 288 -27.43 -41.55 24.04
C ILE B 288 -28.84 -41.87 23.53
N SER B 289 -29.15 -41.50 22.30
CA SER B 289 -30.49 -41.70 21.77
C SER B 289 -30.45 -41.92 20.26
N PRO B 290 -30.73 -43.15 19.79
CA PRO B 290 -30.61 -43.43 18.35
C PRO B 290 -31.70 -42.80 17.49
N ARG B 291 -32.70 -42.16 18.08
CA ARG B 291 -33.81 -41.58 17.32
C ARG B 291 -33.71 -40.06 17.20
N LEU B 292 -33.33 -39.36 18.27
CA LEU B 292 -33.28 -37.90 18.23
C LEU B 292 -32.17 -37.39 17.32
N THR B 293 -31.10 -38.18 17.13
CA THR B 293 -29.99 -37.73 16.28
C THR B 293 -30.36 -37.68 14.80
N LEU B 294 -31.36 -38.46 14.38
CA LEU B 294 -31.77 -38.46 12.99
C LEU B 294 -32.24 -37.09 12.54
N LEU B 295 -32.89 -36.34 13.43
CA LEU B 295 -33.37 -35.01 13.06
C LEU B 295 -32.21 -34.07 12.75
N SER B 296 -31.15 -34.11 13.56
CA SER B 296 -29.97 -33.29 13.27
C SER B 296 -29.29 -33.75 11.99
N LEU B 297 -29.21 -35.06 11.78
CA LEU B 297 -28.60 -35.58 10.56
C LEU B 297 -29.37 -35.12 9.33
N LEU B 298 -30.70 -34.98 9.45
CA LEU B 298 -31.48 -34.45 8.34
C LEU B 298 -31.34 -32.94 8.20
N HIS B 299 -31.16 -32.23 9.31
CA HIS B 299 -31.13 -30.77 9.26
C HIS B 299 -29.81 -30.21 8.74
N MET B 300 -28.70 -30.93 8.93
CA MET B 300 -27.38 -30.38 8.61
C MET B 300 -27.21 -29.81 7.20
N PRO B 301 -27.70 -30.44 6.12
CA PRO B 301 -27.46 -29.86 4.78
C PRO B 301 -27.98 -28.44 4.61
N PHE B 302 -29.11 -28.12 5.24
CA PHE B 302 -29.66 -26.76 5.13
C PHE B 302 -28.74 -25.72 5.74
N THR B 303 -27.84 -26.13 6.64
CA THR B 303 -26.82 -25.24 7.17
C THR B 303 -25.58 -25.21 6.29
N ILE B 304 -25.15 -26.39 5.83
CA ILE B 304 -23.93 -26.44 5.02
C ILE B 304 -24.09 -25.63 3.74
N ALA B 305 -25.23 -25.79 3.05
CA ALA B 305 -25.44 -25.08 1.79
C ALA B 305 -25.48 -23.58 2.00
N ALA B 306 -26.17 -23.12 3.05
CA ALA B 306 -26.25 -21.70 3.31
C ALA B 306 -24.88 -21.10 3.60
N GLU B 307 -24.08 -21.79 4.42
CA GLU B 307 -22.75 -21.28 4.72
C GLU B 307 -21.90 -21.20 3.45
N LYS B 308 -21.97 -22.23 2.61
CA LYS B 308 -21.20 -22.23 1.37
C LYS B 308 -21.60 -21.05 0.48
N VAL B 309 -22.91 -20.83 0.32
CA VAL B 309 -23.38 -19.74 -0.55
C VAL B 309 -22.92 -18.39 -0.02
N TYR B 310 -23.06 -18.18 1.29
CA TYR B 310 -22.66 -16.89 1.87
C TYR B 310 -21.17 -16.65 1.68
N ASN B 311 -20.34 -17.67 1.92
CA ASN B 311 -18.91 -17.50 1.74
C ASN B 311 -18.57 -17.19 0.29
N THR B 312 -19.22 -17.88 -0.66
CA THR B 312 -18.97 -17.63 -2.07
C THR B 312 -19.29 -16.19 -2.44
N ARG B 313 -20.42 -15.67 -1.97
CA ARG B 313 -20.77 -14.29 -2.29
C ARG B 313 -19.80 -13.29 -1.64
N HIS B 314 -19.44 -13.53 -0.39
CA HIS B 314 -18.57 -12.59 0.32
C HIS B 314 -17.19 -12.51 -0.33
N GLN B 315 -16.65 -13.65 -0.77
CA GLN B 315 -15.28 -13.66 -1.30
C GLN B 315 -15.17 -12.82 -2.57
N GLU B 316 -16.25 -12.67 -3.33
CA GLU B 316 -16.20 -11.84 -4.53
C GLU B 316 -16.58 -10.39 -4.24
N VAL B 317 -17.50 -10.16 -3.28
CA VAL B 317 -17.82 -8.79 -2.92
C VAL B 317 -16.59 -8.08 -2.38
N LEU B 318 -15.76 -8.79 -1.61
CA LEU B 318 -14.56 -8.16 -1.06
C LEU B 318 -13.62 -7.67 -2.16
N ARG B 319 -13.38 -8.51 -3.17
CA ARG B 319 -12.46 -8.11 -4.24
C ARG B 319 -13.06 -7.02 -5.12
N GLU B 320 -14.38 -7.02 -5.31
CA GLU B 320 -15.00 -5.91 -6.03
C GLU B 320 -14.80 -4.59 -5.28
N ILE B 321 -14.96 -4.63 -3.96
CA ILE B 321 -14.74 -3.43 -3.15
C ILE B 321 -13.29 -2.97 -3.27
N GLN B 322 -12.35 -3.91 -3.23
CA GLN B 322 -10.94 -3.54 -3.34
C GLN B 322 -10.63 -2.89 -4.68
N ASP B 323 -11.17 -3.45 -5.77
CA ASP B 323 -10.95 -2.85 -7.09
C ASP B 323 -11.54 -1.45 -7.16
N ALA B 324 -12.74 -1.26 -6.62
CA ALA B 324 -13.36 0.06 -6.64
C ALA B 324 -12.54 1.07 -5.85
N VAL B 325 -12.00 0.65 -4.69
CA VAL B 325 -11.19 1.56 -3.89
C VAL B 325 -9.92 1.94 -4.63
N ALA B 326 -9.27 0.97 -5.28
CA ALA B 326 -8.06 1.28 -6.05
C ALA B 326 -8.36 2.25 -7.19
N ARG B 327 -9.47 2.04 -7.90
CA ARG B 327 -9.85 2.95 -8.97
C ARG B 327 -10.12 4.34 -8.44
N ALA B 328 -10.75 4.45 -7.27
CA ALA B 328 -11.00 5.75 -6.67
C ALA B 328 -9.71 6.46 -6.31
N GLY B 329 -8.75 5.72 -5.74
CA GLY B 329 -7.47 6.32 -5.40
C GLY B 329 -6.67 6.76 -6.60
N GLN B 330 -6.82 6.06 -7.72
CA GLN B 330 -6.11 6.46 -8.94
C GLN B 330 -6.47 7.87 -9.37
N VAL B 331 -7.72 8.30 -9.13
CA VAL B 331 -8.13 9.64 -9.52
C VAL B 331 -7.36 10.69 -8.71
N VAL B 332 -7.23 10.47 -7.40
CA VAL B 332 -6.45 11.39 -6.57
C VAL B 332 -5.00 11.40 -7.01
N ARG B 333 -4.45 10.22 -7.32
CA ARG B 333 -3.06 10.17 -7.79
C ARG B 333 -2.88 10.96 -9.08
N GLU B 334 -3.81 10.82 -10.02
CA GLU B 334 -3.75 11.56 -11.27
C GLU B 334 -3.86 13.06 -11.05
N ALA B 335 -4.75 13.47 -10.15
CA ALA B 335 -4.88 14.89 -9.84
C ALA B 335 -3.60 15.44 -9.22
N VAL B 336 -2.97 14.67 -8.34
CA VAL B 336 -1.71 15.11 -7.74
C VAL B 336 -0.62 15.22 -8.80
N GLY B 337 -0.57 14.26 -9.73
CA GLY B 337 0.48 14.28 -10.73
C GLY B 337 0.46 15.51 -11.62
N GLY B 338 -0.73 15.94 -12.04
CA GLY B 338 -0.86 17.06 -12.94
C GLY B 338 -1.44 18.30 -12.28
N LEU B 339 -0.97 18.62 -11.07
CA LEU B 339 -1.57 19.70 -10.30
C LEU B 339 -1.45 21.05 -10.99
N GLN B 340 -0.28 21.32 -11.58
CA GLN B 340 -0.02 22.65 -12.12
C GLN B 340 -1.02 23.02 -13.22
N THR B 341 -1.28 22.08 -14.13
CA THR B 341 -2.23 22.35 -15.20
C THR B 341 -3.64 22.58 -14.66
N VAL B 342 -4.04 21.79 -13.66
CA VAL B 342 -5.38 21.94 -13.10
C VAL B 342 -5.53 23.31 -12.45
N ARG B 343 -4.53 23.75 -11.69
CA ARG B 343 -4.60 25.08 -11.10
C ARG B 343 -4.56 26.17 -12.15
N SER B 344 -3.80 25.97 -13.23
CA SER B 344 -3.74 26.98 -14.28
C SER B 344 -5.07 27.13 -14.99
N PHE B 345 -5.76 26.03 -15.27
CA PHE B 345 -7.03 26.07 -15.97
C PHE B 345 -8.23 26.21 -15.04
N GLY B 346 -8.04 26.08 -13.74
CA GLY B 346 -9.15 26.20 -12.80
C GLY B 346 -10.18 25.10 -12.98
N ALA B 347 -9.74 23.86 -13.09
CA ALA B 347 -10.61 22.72 -13.33
C ALA B 347 -10.81 21.87 -12.08
N GLU B 348 -10.72 22.47 -10.88
CA GLU B 348 -10.93 21.71 -9.66
C GLU B 348 -12.37 21.21 -9.55
N GLU B 349 -13.34 22.01 -10.02
CA GLU B 349 -14.75 21.67 -9.91
C GLU B 349 -15.13 20.46 -10.74
N HIS B 350 -14.26 20.01 -11.64
CA HIS B 350 -14.49 18.79 -12.41
C HIS B 350 -13.81 17.58 -11.79
N GLU B 351 -12.58 17.75 -11.29
CA GLU B 351 -11.91 16.67 -10.59
C GLU B 351 -12.66 16.28 -9.33
N VAL B 352 -13.20 17.26 -8.62
CA VAL B 352 -14.02 16.97 -7.44
C VAL B 352 -15.24 16.15 -7.84
N CYS B 353 -15.88 16.49 -8.96
CA CYS B 353 -17.04 15.74 -9.42
C CYS B 353 -16.68 14.31 -9.77
N ARG B 354 -15.54 14.11 -10.44
CA ARG B 354 -15.12 12.75 -10.77
C ARG B 354 -14.84 11.93 -9.52
N TYR B 355 -14.17 12.53 -8.53
CA TYR B 355 -13.92 11.83 -7.27
C TYR B 355 -15.22 11.47 -6.57
N LYS B 356 -16.19 12.40 -6.57
CA LYS B 356 -17.49 12.12 -5.97
C LYS B 356 -18.18 10.96 -6.68
N GLU B 357 -18.06 10.90 -8.01
CA GLU B 357 -18.62 9.78 -8.74
C GLU B 357 -17.99 8.47 -8.32
N ALA B 358 -16.67 8.44 -8.16
CA ALA B 358 -16.01 7.22 -7.73
C ALA B 358 -16.47 6.81 -6.32
N LEU B 359 -16.59 7.77 -5.42
CA LEU B 359 -17.05 7.47 -4.06
C LEU B 359 -18.48 6.93 -4.07
N GLU B 360 -19.35 7.52 -4.88
CA GLU B 360 -20.72 7.03 -4.98
C GLU B 360 -20.78 5.65 -5.61
N GLN B 361 -19.80 5.31 -6.45
CA GLN B 361 -19.76 3.96 -6.99
C GLN B 361 -19.32 2.95 -5.94
N CYS B 362 -18.41 3.34 -5.05
CA CYS B 362 -17.96 2.42 -4.00
C CYS B 362 -18.98 2.23 -2.88
N ARG B 363 -19.75 3.28 -2.58
CA ARG B 363 -20.70 3.21 -1.47
C ARG B 363 -21.75 2.13 -1.70
N GLN B 364 -22.17 1.93 -2.95
CA GLN B 364 -23.18 0.92 -3.23
C GLN B 364 -22.68 -0.48 -2.91
N LEU B 365 -21.43 -0.79 -3.26
CA LEU B 365 -20.87 -2.08 -2.91
C LEU B 365 -20.78 -2.25 -1.40
N TYR B 366 -20.36 -1.20 -0.70
CA TYR B 366 -20.33 -1.26 0.76
C TYR B 366 -21.71 -1.62 1.32
N TRP B 367 -22.74 -0.93 0.84
CA TRP B 367 -24.10 -1.15 1.33
C TRP B 367 -24.58 -2.56 1.01
N ARG B 368 -24.25 -3.07 -0.18
CA ARG B 368 -24.67 -4.41 -0.56
C ARG B 368 -24.07 -5.46 0.37
N ARG B 369 -22.77 -5.33 0.66
CA ARG B 369 -22.15 -6.26 1.60
C ARG B 369 -22.79 -6.19 2.99
N ASP B 370 -23.02 -4.96 3.47
CA ASP B 370 -23.59 -4.79 4.80
C ASP B 370 -25.01 -5.35 4.87
N LEU B 371 -25.75 -5.33 3.77
CA LEU B 371 -27.09 -5.92 3.77
C LEU B 371 -27.03 -7.44 3.76
N GLU B 372 -26.13 -8.01 2.94
CA GLU B 372 -26.05 -9.46 2.85
C GLU B 372 -25.68 -10.08 4.20
N ARG B 373 -24.75 -9.45 4.92
CA ARG B 373 -24.35 -9.99 6.22
C ARG B 373 -25.53 -10.08 7.18
N ALA B 374 -26.33 -9.02 7.25
CA ALA B 374 -27.48 -8.99 8.17
C ALA B 374 -28.52 -10.02 7.76
N LEU B 375 -28.76 -10.16 6.45
CA LEU B 375 -29.73 -11.17 6.01
C LEU B 375 -29.28 -12.58 6.43
N TYR B 376 -27.99 -12.88 6.27
CA TYR B 376 -27.49 -14.18 6.71
C TYR B 376 -27.68 -14.37 8.20
N LEU B 377 -27.39 -13.34 8.99
CA LEU B 377 -27.54 -13.48 10.44
C LEU B 377 -28.99 -13.76 10.82
N LEU B 378 -29.94 -13.06 10.18
CA LEU B 378 -31.35 -13.29 10.49
C LEU B 378 -31.76 -14.73 10.15
N VAL B 379 -31.34 -15.22 8.98
CA VAL B 379 -31.68 -16.59 8.61
C VAL B 379 -31.12 -17.58 9.62
N ARG B 380 -29.87 -17.38 10.03
CA ARG B 380 -29.25 -18.29 10.99
C ARG B 380 -30.01 -18.31 12.31
N ARG B 381 -30.39 -17.12 12.82
CA ARG B 381 -31.10 -17.08 14.09
C ARG B 381 -32.44 -17.80 14.01
N VAL B 382 -33.20 -17.57 12.94
CA VAL B 382 -34.51 -18.21 12.81
C VAL B 382 -34.35 -19.72 12.74
N LEU B 383 -33.38 -20.20 11.97
CA LEU B 383 -33.21 -21.67 11.79
C LEU B 383 -32.89 -22.35 13.14
N HIS B 384 -31.98 -21.76 13.93
CA HIS B 384 -31.53 -22.36 15.22
C HIS B 384 -32.71 -22.49 16.19
N LEU B 385 -33.48 -21.43 16.38
CA LEU B 385 -34.62 -21.46 17.33
C LEU B 385 -35.54 -22.61 16.94
N GLY B 386 -35.88 -22.71 15.65
CA GLY B 386 -36.75 -23.79 15.17
C GLY B 386 -36.19 -25.15 15.52
N VAL B 387 -34.92 -25.40 15.20
CA VAL B 387 -34.27 -26.70 15.51
C VAL B 387 -34.39 -26.98 17.01
N GLN B 388 -34.07 -25.99 17.85
CA GLN B 388 -34.09 -26.21 19.33
C GLN B 388 -35.51 -26.59 19.77
N MET B 389 -36.52 -25.87 19.29
CA MET B 389 -37.93 -26.14 19.71
C MET B 389 -38.33 -27.53 19.24
N LEU B 390 -37.87 -27.94 18.05
CA LEU B 390 -38.18 -29.31 17.56
C LEU B 390 -37.41 -30.31 18.43
N MET B 391 -36.19 -29.95 18.84
CA MET B 391 -35.45 -30.86 19.71
C MET B 391 -36.08 -30.93 21.08
N LEU B 392 -36.44 -29.78 21.65
CA LEU B 392 -37.02 -29.75 22.99
C LEU B 392 -38.34 -30.51 23.04
N SER B 393 -39.21 -30.27 22.05
CA SER B 393 -40.51 -30.94 22.04
C SER B 393 -40.34 -32.45 21.92
N CYS B 394 -39.51 -32.90 20.98
CA CYS B 394 -39.34 -34.34 20.78
C CYS B 394 -38.70 -34.98 22.01
N GLY B 395 -37.71 -34.32 22.61
CA GLY B 395 -37.08 -34.88 23.80
C GLY B 395 -38.01 -35.01 24.98
N LEU B 396 -38.83 -33.98 25.22
CA LEU B 396 -39.79 -34.06 26.32
C LEU B 396 -40.82 -35.16 26.06
N GLN B 397 -41.31 -35.26 24.82
CA GLN B 397 -42.29 -36.30 24.52
C GLN B 397 -41.68 -37.69 24.66
N GLN B 398 -40.38 -37.83 24.39
CA GLN B 398 -39.75 -39.13 24.56
C GLN B 398 -39.49 -39.45 26.04
N MET B 399 -39.13 -38.44 26.83
CA MET B 399 -38.89 -38.68 28.25
C MET B 399 -40.18 -39.05 28.96
N GLN B 400 -41.27 -38.33 28.69
CA GLN B 400 -42.53 -38.64 29.37
C GLN B 400 -43.03 -40.03 29.02
N ASP B 401 -42.60 -40.60 27.89
CA ASP B 401 -42.92 -41.98 27.57
C ASP B 401 -42.20 -42.94 28.52
N GLY B 402 -40.89 -42.74 28.70
CA GLY B 402 -40.14 -43.56 29.63
C GLY B 402 -38.87 -44.15 29.04
N GLU B 403 -38.48 -43.68 27.86
CA GLU B 403 -37.30 -44.20 27.17
C GLU B 403 -36.04 -43.38 27.42
N LEU B 404 -36.10 -42.37 28.29
CA LEU B 404 -34.97 -41.48 28.51
C LEU B 404 -35.01 -40.95 29.93
N THR B 405 -33.87 -40.44 30.37
CA THR B 405 -33.72 -39.81 31.67
C THR B 405 -33.42 -38.33 31.50
N GLN B 406 -33.39 -37.60 32.61
CA GLN B 406 -33.20 -36.16 32.55
C GLN B 406 -31.75 -35.80 32.22
N GLY B 407 -30.79 -36.47 32.83
CA GLY B 407 -29.40 -36.20 32.52
C GLY B 407 -29.05 -36.53 31.08
N SER B 408 -29.64 -37.60 30.55
CA SER B 408 -29.41 -37.94 29.14
C SER B 408 -29.94 -36.85 28.23
N LEU B 409 -31.13 -36.31 28.53
CA LEU B 409 -31.66 -35.21 27.72
C LEU B 409 -30.77 -33.99 27.81
N LEU B 410 -30.26 -33.67 29.00
CA LEU B 410 -29.37 -32.52 29.15
C LEU B 410 -28.11 -32.69 28.32
N SER B 411 -27.50 -33.88 28.37
CA SER B 411 -26.29 -34.14 27.60
C SER B 411 -26.57 -34.06 26.11
N PHE B 412 -27.68 -34.63 25.66
CA PHE B 412 -28.03 -34.57 24.24
C PHE B 412 -28.24 -33.13 23.79
N MET B 413 -28.91 -32.32 24.61
CA MET B 413 -29.12 -30.92 24.25
C MET B 413 -27.80 -30.18 24.14
N ILE B 414 -26.86 -30.43 25.07
CA ILE B 414 -25.57 -29.77 24.99
C ILE B 414 -24.83 -30.17 23.72
N TYR B 415 -24.81 -31.47 23.41
CA TYR B 415 -24.12 -31.93 22.20
C TYR B 415 -24.74 -31.32 20.94
N GLN B 416 -26.06 -31.35 20.84
CA GLN B 416 -26.74 -30.84 19.66
C GLN B 416 -26.56 -29.34 19.51
N GLU B 417 -26.49 -28.61 20.62
CA GLU B 417 -26.17 -27.19 20.54
C GLU B 417 -24.76 -26.98 20.02
N SER B 418 -23.80 -27.78 20.50
CA SER B 418 -22.40 -27.54 20.18
C SER B 418 -22.01 -27.94 18.76
N VAL B 419 -22.70 -28.91 18.14
CA VAL B 419 -22.21 -29.47 16.88
C VAL B 419 -22.20 -28.43 15.75
N GLY B 420 -23.15 -27.48 15.77
CA GLY B 420 -23.33 -26.60 14.62
C GLY B 420 -22.16 -25.68 14.38
N SER B 421 -21.56 -25.14 15.44
CA SER B 421 -20.44 -24.23 15.29
C SER B 421 -19.26 -24.90 14.61
N TYR B 422 -18.95 -26.14 15.01
CA TYR B 422 -17.88 -26.88 14.35
C TYR B 422 -18.24 -27.18 12.91
N VAL B 423 -19.50 -27.53 12.64
CA VAL B 423 -19.90 -27.83 11.27
C VAL B 423 -19.69 -26.61 10.37
N GLN B 424 -19.96 -25.41 10.90
CA GLN B 424 -19.76 -24.20 10.09
C GLN B 424 -18.28 -23.86 9.95
N THR B 425 -17.51 -23.96 11.04
CA THR B 425 -16.11 -23.55 10.97
C THR B 425 -15.30 -24.50 10.08
N LEU B 426 -15.72 -25.75 9.94
CA LEU B 426 -15.04 -26.66 9.03
C LEU B 426 -15.13 -26.14 7.59
N VAL B 427 -16.32 -25.73 7.18
CA VAL B 427 -16.53 -25.17 5.85
C VAL B 427 -15.71 -23.90 5.68
N TYR B 428 -15.73 -23.03 6.70
CA TYR B 428 -14.96 -21.80 6.62
C TYR B 428 -13.48 -22.09 6.37
N ILE B 429 -12.89 -22.98 7.16
CA ILE B 429 -11.47 -23.25 7.07
C ILE B 429 -11.12 -23.90 5.73
N TYR B 430 -11.94 -24.85 5.27
CA TYR B 430 -11.66 -25.49 4.00
C TYR B 430 -11.74 -24.49 2.85
N GLY B 431 -12.67 -23.54 2.93
CA GLY B 431 -12.71 -22.48 1.93
C GLY B 431 -11.51 -21.57 2.00
N ASP B 432 -10.99 -21.31 3.20
CA ASP B 432 -9.87 -20.39 3.34
C ASP B 432 -8.55 -21.01 2.89
N MET B 433 -8.41 -22.33 3.00
CA MET B 433 -7.12 -22.97 2.70
C MET B 433 -6.68 -22.75 1.25
N LEU B 434 -7.62 -22.64 0.32
CA LEU B 434 -7.27 -22.53 -1.09
C LEU B 434 -6.55 -21.23 -1.40
N SER B 435 -6.86 -20.15 -0.67
CA SER B 435 -6.15 -18.90 -0.88
C SER B 435 -4.67 -19.04 -0.50
N ASN B 436 -4.41 -19.73 0.62
CA ASN B 436 -3.02 -19.99 1.00
C ASN B 436 -2.31 -20.86 -0.03
N VAL B 437 -3.01 -21.86 -0.58
CA VAL B 437 -2.39 -22.69 -1.61
C VAL B 437 -2.05 -21.86 -2.84
N GLY B 438 -2.96 -20.97 -3.24
CA GLY B 438 -2.69 -20.12 -4.39
C GLY B 438 -1.54 -19.16 -4.16
N ALA B 439 -1.45 -18.58 -2.95
CA ALA B 439 -0.32 -17.72 -2.63
C ALA B 439 0.99 -18.49 -2.65
N ALA B 440 0.97 -19.72 -2.15
CA ALA B 440 2.17 -20.55 -2.21
C ALA B 440 2.59 -20.82 -3.65
N GLU B 441 1.62 -21.09 -4.52
CA GLU B 441 1.94 -21.29 -5.94
C GLU B 441 2.56 -20.04 -6.54
N LYS B 442 1.99 -18.87 -6.22
CA LYS B 442 2.50 -17.63 -6.78
C LYS B 442 3.92 -17.34 -6.28
N VAL B 443 4.23 -17.65 -5.03
CA VAL B 443 5.59 -17.46 -4.53
C VAL B 443 6.54 -18.46 -5.20
N PHE B 444 6.15 -19.73 -5.29
CA PHE B 444 7.02 -20.74 -5.86
C PHE B 444 7.26 -20.54 -7.34
N SER B 445 6.38 -19.81 -8.03
CA SER B 445 6.61 -19.55 -9.45
C SER B 445 7.77 -18.59 -9.70
N TYR B 446 8.29 -17.93 -8.67
CA TYR B 446 9.40 -17.00 -8.83
C TYR B 446 10.76 -17.64 -8.58
N MET B 447 10.84 -18.58 -7.64
CA MET B 447 12.09 -19.22 -7.29
C MET B 447 12.38 -20.45 -8.14
N ASP B 448 11.48 -20.83 -9.04
CA ASP B 448 11.72 -21.93 -9.95
C ASP B 448 12.10 -21.48 -11.35
N ARG B 449 12.01 -20.18 -11.64
CA ARG B 449 12.34 -19.67 -12.96
C ARG B 449 13.83 -19.79 -13.24
N GLN B 450 14.20 -20.16 -14.46
CA GLN B 450 15.62 -20.25 -14.83
C GLN B 450 16.17 -18.92 -15.37
N PRO B 451 17.41 -18.57 -14.97
CA PRO B 451 18.11 -17.35 -15.38
C PRO B 451 18.65 -17.38 -16.82
N ASN B 452 19.29 -16.30 -17.27
CA ASN B 452 19.85 -16.23 -18.61
C ASN B 452 21.33 -15.90 -18.61
N LEU B 453 22.03 -16.12 -17.50
CA LEU B 453 23.46 -15.88 -17.44
C LEU B 453 24.21 -16.92 -18.27
N PRO B 454 25.39 -16.61 -18.77
CA PRO B 454 26.16 -17.58 -19.54
C PRO B 454 26.86 -18.58 -18.62
N SER B 455 27.64 -19.46 -19.23
CA SER B 455 28.35 -20.47 -18.46
C SER B 455 29.39 -19.82 -17.56
N PRO B 456 29.46 -20.24 -16.29
CA PRO B 456 30.44 -19.66 -15.37
C PRO B 456 31.87 -19.95 -15.81
N GLY B 457 32.76 -19.02 -15.52
CA GLY B 457 34.18 -19.15 -15.82
C GLY B 457 34.99 -19.55 -14.61
N THR B 458 36.27 -19.82 -14.84
CA THR B 458 37.16 -20.26 -13.75
C THR B 458 38.50 -19.53 -13.78
N LEU B 459 38.89 -18.99 -14.93
CA LEU B 459 40.24 -18.44 -15.09
C LEU B 459 40.45 -17.24 -14.18
N ALA B 460 41.70 -17.10 -13.70
CA ALA B 460 42.08 -15.96 -12.86
C ALA B 460 43.59 -15.81 -12.93
N PRO B 461 44.10 -15.06 -13.91
CA PRO B 461 45.55 -14.85 -14.00
C PRO B 461 46.06 -14.00 -12.85
N THR B 462 47.39 -13.94 -12.75
CA THR B 462 48.01 -13.22 -11.64
C THR B 462 48.27 -11.75 -11.97
N THR B 463 48.65 -11.45 -13.21
CA THR B 463 48.96 -10.06 -13.60
C THR B 463 48.34 -9.82 -14.99
N LEU B 464 47.20 -9.14 -14.98
CA LEU B 464 46.52 -8.83 -16.24
C LEU B 464 47.26 -7.73 -16.98
N GLN B 465 47.45 -7.93 -18.30
CA GLN B 465 48.11 -6.91 -19.10
C GLN B 465 47.21 -5.69 -19.33
N GLY B 466 45.91 -5.91 -19.49
CA GLY B 466 44.98 -4.80 -19.63
C GLY B 466 44.62 -4.44 -21.05
N VAL B 467 45.00 -5.25 -22.03
CA VAL B 467 44.65 -4.96 -23.41
C VAL B 467 43.24 -5.47 -23.71
N VAL B 468 42.38 -4.58 -24.21
CA VAL B 468 40.98 -4.88 -24.48
C VAL B 468 40.70 -4.61 -25.95
N LYS B 469 40.06 -5.56 -26.62
CA LYS B 469 39.73 -5.44 -28.03
C LYS B 469 38.26 -5.72 -28.26
N PHE B 470 37.64 -4.89 -29.08
CA PHE B 470 36.26 -5.11 -29.53
C PHE B 470 36.29 -5.57 -30.98
N GLN B 471 35.62 -6.69 -31.25
CA GLN B 471 35.62 -7.30 -32.57
C GLN B 471 34.20 -7.49 -33.07
N ASP B 472 33.76 -6.61 -33.96
CA ASP B 472 32.48 -6.73 -34.65
C ASP B 472 31.32 -6.86 -33.65
N VAL B 473 31.34 -6.04 -32.62
CA VAL B 473 30.38 -6.16 -31.52
C VAL B 473 29.05 -5.54 -31.94
N SER B 474 27.99 -6.32 -31.84
CA SER B 474 26.63 -5.86 -32.09
C SER B 474 25.73 -6.39 -30.97
N PHE B 475 24.76 -5.58 -30.58
CA PHE B 475 23.95 -5.89 -29.41
C PHE B 475 22.53 -5.40 -29.60
N ALA B 476 21.57 -6.16 -29.07
CA ALA B 476 20.17 -5.78 -29.06
C ALA B 476 19.56 -6.16 -27.71
N TYR B 477 18.87 -5.21 -27.10
CA TYR B 477 18.29 -5.45 -25.78
C TYR B 477 17.19 -6.52 -25.88
N PRO B 478 17.21 -7.54 -25.02
CA PRO B 478 16.11 -8.52 -25.03
C PRO B 478 14.75 -7.90 -24.73
N ASN B 479 14.70 -6.85 -23.91
CA ASN B 479 13.43 -6.18 -23.62
C ASN B 479 12.84 -5.51 -24.84
N ARG B 480 13.67 -4.96 -25.73
CA ARG B 480 13.21 -4.36 -26.98
C ARG B 480 14.04 -4.94 -28.12
N PRO B 481 13.79 -6.18 -28.49
CA PRO B 481 14.65 -6.87 -29.46
C PRO B 481 14.47 -6.33 -30.87
N ASP B 482 15.40 -6.73 -31.73
CA ASP B 482 15.41 -6.38 -33.15
C ASP B 482 15.49 -4.88 -33.39
N ARG B 483 16.02 -4.15 -32.42
CA ARG B 483 16.28 -2.71 -32.55
C ARG B 483 17.70 -2.42 -32.08
N PRO B 484 18.70 -2.84 -32.87
CA PRO B 484 20.08 -2.82 -32.37
C PRO B 484 20.56 -1.41 -32.06
N VAL B 485 21.41 -1.34 -31.03
CA VAL B 485 22.05 -0.07 -30.68
C VAL B 485 23.50 -0.03 -31.18
N LEU B 486 24.12 -1.19 -31.36
CA LEU B 486 25.48 -1.30 -31.87
C LEU B 486 25.47 -2.13 -33.15
N LYS B 487 26.19 -1.65 -34.16
CA LYS B 487 26.27 -2.31 -35.47
C LYS B 487 27.74 -2.49 -35.85
N GLY B 488 28.30 -3.64 -35.45
CA GLY B 488 29.67 -3.96 -35.80
C GLY B 488 30.72 -3.04 -35.22
N LEU B 489 30.58 -2.64 -33.96
CA LEU B 489 31.57 -1.77 -33.34
C LEU B 489 32.90 -2.49 -33.20
N THR B 490 33.99 -1.77 -33.46
CA THR B 490 35.33 -2.36 -33.43
C THR B 490 36.33 -1.29 -32.99
N PHE B 491 37.10 -1.60 -31.96
CA PHE B 491 38.16 -0.72 -31.49
C PHE B 491 39.11 -1.52 -30.61
N THR B 492 40.24 -0.91 -30.26
CA THR B 492 41.28 -1.54 -29.46
C THR B 492 41.75 -0.57 -28.39
N LEU B 493 41.98 -1.10 -27.19
CA LEU B 493 42.47 -0.31 -26.06
C LEU B 493 43.85 -0.79 -25.65
N ARG B 494 44.62 0.11 -25.06
CA ARG B 494 45.99 -0.14 -24.62
C ARG B 494 46.15 0.39 -23.21
N PRO B 495 47.19 -0.07 -22.49
CA PRO B 495 47.37 0.38 -21.10
C PRO B 495 47.46 1.89 -20.94
N GLY B 496 48.39 2.53 -21.65
CA GLY B 496 48.59 3.95 -21.49
C GLY B 496 47.69 4.80 -22.37
N GLU B 497 47.08 4.19 -23.39
CA GLU B 497 46.27 4.92 -24.37
C GLU B 497 44.91 5.24 -23.75
N VAL B 498 44.82 6.42 -23.14
CA VAL B 498 43.57 6.91 -22.57
C VAL B 498 42.61 7.28 -23.69
N THR B 499 41.61 6.44 -23.90
CA THR B 499 40.68 6.58 -25.02
C THR B 499 39.36 7.18 -24.55
N ALA B 500 38.90 8.21 -25.25
CA ALA B 500 37.68 8.92 -24.92
C ALA B 500 36.63 8.66 -25.98
N LEU B 501 35.39 8.39 -25.54
CA LEU B 501 34.26 8.19 -26.45
C LEU B 501 33.33 9.38 -26.36
N VAL B 502 32.99 9.95 -27.52
CA VAL B 502 32.11 11.12 -27.58
C VAL B 502 31.08 10.87 -28.68
N GLY B 503 30.03 11.70 -28.66
CA GLY B 503 28.92 11.54 -29.57
C GLY B 503 27.69 11.00 -28.84
N PRO B 504 26.55 11.65 -29.04
CA PRO B 504 25.34 11.28 -28.29
C PRO B 504 24.88 9.85 -28.57
N ASN B 505 24.61 9.55 -29.84
CA ASN B 505 24.13 8.24 -30.26
C ASN B 505 22.93 7.78 -29.44
N GLY B 506 22.05 8.71 -29.08
CA GLY B 506 20.91 8.39 -28.24
C GLY B 506 21.30 7.79 -26.91
N SER B 507 22.33 8.33 -26.26
CA SER B 507 22.90 7.82 -25.03
C SER B 507 23.40 6.39 -25.16
N GLY B 508 23.85 5.99 -26.35
CA GLY B 508 24.36 4.64 -26.54
C GLY B 508 25.73 4.42 -25.95
N LYS B 509 26.40 5.48 -25.51
CA LYS B 509 27.70 5.33 -24.86
C LYS B 509 27.56 4.56 -23.55
N SER B 510 26.38 4.60 -22.93
CA SER B 510 26.17 3.83 -21.71
C SER B 510 26.19 2.32 -21.99
N THR B 511 25.62 1.91 -23.12
CA THR B 511 25.53 0.49 -23.45
C THR B 511 26.89 -0.14 -23.67
N VAL B 512 27.80 0.54 -24.36
CA VAL B 512 29.11 -0.05 -24.61
C VAL B 512 29.90 -0.17 -23.31
N ALA B 513 29.72 0.77 -22.39
CA ALA B 513 30.39 0.67 -21.09
C ALA B 513 29.88 -0.52 -20.30
N ALA B 514 28.56 -0.74 -20.30
CA ALA B 514 27.97 -1.80 -19.48
C ALA B 514 28.43 -3.17 -19.93
N LEU B 515 28.39 -3.45 -21.23
CA LEU B 515 28.71 -4.79 -21.73
C LEU B 515 30.20 -5.10 -21.64
N LEU B 516 31.04 -4.12 -21.32
CA LEU B 516 32.45 -4.37 -21.06
C LEU B 516 32.70 -4.91 -19.65
N GLN B 517 31.68 -4.91 -18.79
CA GLN B 517 31.79 -5.42 -17.43
C GLN B 517 31.16 -6.79 -17.27
N ASN B 518 30.84 -7.47 -18.37
CA ASN B 518 30.14 -8.75 -18.35
C ASN B 518 28.76 -8.63 -17.69
N LEU B 519 28.10 -7.48 -17.86
CA LEU B 519 26.73 -7.33 -17.40
C LEU B 519 25.72 -7.81 -18.44
N TYR B 520 26.05 -7.68 -19.72
CA TYR B 520 25.21 -8.16 -20.80
C TYR B 520 26.08 -8.94 -21.78
N GLN B 521 25.46 -9.88 -22.48
CA GLN B 521 26.26 -10.60 -23.45
C GLN B 521 26.02 -10.07 -24.85
N PRO B 522 27.09 -9.84 -25.63
CA PRO B 522 26.90 -9.33 -26.99
C PRO B 522 26.30 -10.40 -27.90
N THR B 523 25.28 -10.01 -28.64
CA THR B 523 24.64 -10.94 -29.58
C THR B 523 25.50 -11.20 -30.81
N GLY B 524 26.40 -10.28 -31.16
CA GLY B 524 27.28 -10.48 -32.28
C GLY B 524 28.69 -10.04 -31.93
N GLY B 525 29.66 -10.71 -32.57
CA GLY B 525 31.04 -10.40 -32.28
C GLY B 525 31.48 -10.97 -30.93
N GLN B 526 32.58 -10.40 -30.42
CA GLN B 526 33.12 -10.86 -29.15
C GLN B 526 33.94 -9.74 -28.53
N VAL B 527 34.03 -9.78 -27.20
CA VAL B 527 34.87 -8.89 -26.42
C VAL B 527 35.81 -9.74 -25.59
N LEU B 528 37.10 -9.40 -25.61
CA LEU B 528 38.12 -10.28 -25.05
C LEU B 528 39.07 -9.49 -24.16
N LEU B 529 39.55 -10.14 -23.10
CA LEU B 529 40.54 -9.60 -22.20
C LEU B 529 41.78 -10.49 -22.22
N ASP B 530 42.91 -9.93 -22.63
CA ASP B 530 44.18 -10.66 -22.73
C ASP B 530 44.00 -11.95 -23.53
N GLU B 531 43.43 -11.79 -24.73
CA GLU B 531 43.27 -12.88 -25.70
C GLU B 531 42.36 -13.98 -25.20
N LYS B 532 41.45 -13.67 -24.29
CA LYS B 532 40.42 -14.60 -23.82
C LYS B 532 39.12 -13.84 -23.63
N PRO B 533 37.98 -14.49 -23.87
CA PRO B 533 36.70 -13.81 -23.69
C PRO B 533 36.47 -13.42 -22.24
N ILE B 534 35.73 -12.31 -22.06
CA ILE B 534 35.50 -11.80 -20.71
C ILE B 534 34.59 -12.73 -19.93
N SER B 535 33.71 -13.45 -20.61
CA SER B 535 32.79 -14.38 -19.95
C SER B 535 33.48 -15.62 -19.41
N GLN B 536 34.75 -15.85 -19.77
CA GLN B 536 35.48 -17.01 -19.31
C GLN B 536 36.17 -16.78 -17.97
N TYR B 537 36.21 -15.54 -17.48
CA TYR B 537 36.85 -15.26 -16.21
C TYR B 537 35.86 -15.39 -15.07
N GLU B 538 36.39 -15.67 -13.88
CA GLU B 538 35.55 -15.85 -12.70
C GLU B 538 34.81 -14.56 -12.36
N HIS B 539 33.57 -14.69 -11.89
CA HIS B 539 32.76 -13.52 -11.55
C HIS B 539 33.40 -12.71 -10.43
N CYS B 540 33.91 -13.39 -9.39
CA CYS B 540 34.50 -12.67 -8.27
C CYS B 540 35.81 -11.99 -8.67
N TYR B 541 36.61 -12.62 -9.53
CA TYR B 541 37.91 -12.07 -9.88
C TYR B 541 37.76 -10.87 -10.81
N LEU B 542 36.87 -10.96 -11.81
CA LEU B 542 36.83 -9.98 -12.87
C LEU B 542 36.53 -8.58 -12.35
N HIS B 543 35.58 -8.47 -11.43
CA HIS B 543 35.17 -7.16 -10.91
C HIS B 543 36.14 -6.60 -9.89
N SER B 544 37.34 -7.17 -9.78
CA SER B 544 38.39 -6.54 -9.00
C SER B 544 39.37 -5.79 -9.90
N GLN B 545 39.70 -6.38 -11.05
CA GLN B 545 40.61 -5.72 -11.99
C GLN B 545 39.91 -4.59 -12.73
N VAL B 546 38.66 -4.80 -13.15
CA VAL B 546 37.92 -3.82 -13.92
C VAL B 546 36.73 -3.32 -13.09
N VAL B 547 36.62 -2.00 -12.96
CA VAL B 547 35.52 -1.37 -12.26
C VAL B 547 35.17 -0.08 -12.99
N SER B 548 33.90 0.30 -12.93
CA SER B 548 33.42 1.51 -13.57
C SER B 548 32.59 2.32 -12.58
N VAL B 549 32.49 3.62 -12.84
CA VAL B 549 31.68 4.52 -12.05
C VAL B 549 30.37 4.78 -12.80
N GLY B 550 29.27 4.72 -12.08
CA GLY B 550 27.97 4.90 -12.71
C GLY B 550 27.72 6.32 -13.15
N GLN B 551 26.85 6.46 -14.15
CA GLN B 551 26.48 7.79 -14.62
C GLN B 551 25.75 8.57 -13.53
N GLU B 552 24.78 7.95 -12.87
CA GLU B 552 24.13 8.51 -11.68
C GLU B 552 24.55 7.68 -10.49
N PRO B 553 25.47 8.17 -9.67
CA PRO B 553 25.96 7.37 -8.53
C PRO B 553 24.84 7.00 -7.58
N VAL B 554 24.92 5.80 -7.03
CA VAL B 554 23.98 5.32 -6.02
C VAL B 554 24.78 4.96 -4.78
N LEU B 555 24.27 5.35 -3.62
CA LEU B 555 24.91 5.08 -2.34
C LEU B 555 23.95 4.30 -1.47
N PHE B 556 24.50 3.54 -0.53
CA PHE B 556 23.71 2.68 0.34
C PHE B 556 23.61 3.29 1.73
N SER B 557 22.61 2.84 2.48
CA SER B 557 22.29 3.40 3.79
C SER B 557 23.28 3.03 4.87
N GLY B 558 24.39 2.37 4.55
CA GLY B 558 25.37 2.01 5.54
C GLY B 558 26.25 3.18 5.94
N SER B 559 27.31 2.91 6.69
CA SER B 559 28.20 3.97 7.14
C SER B 559 29.11 4.43 5.99
N VAL B 560 29.88 5.48 6.26
CA VAL B 560 30.83 5.98 5.26
C VAL B 560 31.88 4.93 4.94
N ARG B 561 32.43 4.28 5.97
CA ARG B 561 33.44 3.26 5.75
C ARG B 561 32.88 2.08 4.96
N ASN B 562 31.66 1.66 5.27
CA ASN B 562 31.07 0.53 4.56
C ASN B 562 30.84 0.85 3.10
N ASN B 563 30.53 2.11 2.77
CA ASN B 563 30.28 2.46 1.37
C ASN B 563 31.59 2.51 0.57
N ILE B 564 32.66 3.04 1.18
CA ILE B 564 33.94 3.10 0.47
C ILE B 564 34.50 1.69 0.27
N ALA B 565 34.43 0.86 1.29
CA ALA B 565 34.93 -0.51 1.22
C ALA B 565 33.88 -1.49 0.73
N TYR B 566 32.91 -1.03 -0.05
CA TYR B 566 31.83 -1.90 -0.53
C TYR B 566 32.39 -3.04 -1.37
N GLY B 567 31.95 -4.26 -1.06
CA GLY B 567 32.35 -5.43 -1.81
C GLY B 567 33.66 -6.06 -1.39
N LEU B 568 34.44 -5.41 -0.53
CA LEU B 568 35.71 -5.97 -0.13
C LEU B 568 35.55 -6.88 1.08
N GLN B 569 36.38 -7.93 1.13
CA GLN B 569 36.33 -8.85 2.26
C GLN B 569 36.81 -8.17 3.54
N SER B 570 37.89 -7.41 3.45
CA SER B 570 38.43 -6.71 4.62
C SER B 570 39.23 -5.51 4.13
N CYS B 571 39.30 -4.50 4.99
CA CYS B 571 40.00 -3.26 4.65
C CYS B 571 40.51 -2.60 5.92
N GLU B 572 41.48 -1.71 5.75
CA GLU B 572 42.07 -0.96 6.84
C GLU B 572 41.80 0.53 6.62
N ASP B 573 41.64 1.26 7.73
CA ASP B 573 41.30 2.68 7.63
C ASP B 573 42.39 3.49 6.95
N ASP B 574 43.63 3.00 6.95
CA ASP B 574 44.69 3.70 6.24
C ASP B 574 44.40 3.74 4.75
N LYS B 575 43.91 2.63 4.18
CA LYS B 575 43.56 2.61 2.77
C LYS B 575 42.37 3.53 2.49
N VAL B 576 41.41 3.59 3.40
CA VAL B 576 40.24 4.44 3.21
C VAL B 576 40.65 5.91 3.12
N MET B 577 41.56 6.35 3.99
CA MET B 577 42.06 7.71 3.90
C MET B 577 42.80 7.93 2.59
N ALA B 578 43.61 6.95 2.17
CA ALA B 578 44.32 7.06 0.89
C ALA B 578 43.33 7.11 -0.27
N ALA B 579 42.30 6.27 -0.23
CA ALA B 579 41.29 6.29 -1.29
C ALA B 579 40.53 7.60 -1.29
N ALA B 580 40.15 8.09 -0.10
CA ALA B 580 39.38 9.34 -0.02
C ALA B 580 40.22 10.53 -0.48
N GLN B 581 41.50 10.56 -0.10
CA GLN B 581 42.35 11.68 -0.48
C GLN B 581 42.60 11.71 -1.99
N ALA B 582 42.45 10.56 -2.64
CA ALA B 582 42.62 10.51 -4.09
C ALA B 582 41.49 11.21 -4.84
N ALA B 583 40.36 11.46 -4.18
CA ALA B 583 39.24 12.15 -4.80
C ALA B 583 38.90 13.47 -4.13
N HIS B 584 39.74 13.95 -3.21
CA HIS B 584 39.57 15.20 -2.47
C HIS B 584 38.27 15.23 -1.68
N ALA B 585 37.63 14.08 -1.46
CA ALA B 585 36.42 14.03 -0.66
C ALA B 585 36.69 14.20 0.82
N ASP B 586 37.96 14.17 1.23
CA ASP B 586 38.29 14.32 2.64
C ASP B 586 37.93 15.69 3.18
N ASP B 587 37.81 16.69 2.30
CA ASP B 587 37.41 18.02 2.74
C ASP B 587 36.01 18.05 3.35
N PHE B 588 35.18 17.06 3.04
CA PHE B 588 33.87 16.93 3.65
C PHE B 588 33.82 15.83 4.70
N ILE B 589 34.49 14.71 4.48
CA ILE B 589 34.42 13.59 5.42
C ILE B 589 35.06 13.95 6.75
N GLN B 590 36.18 14.68 6.71
CA GLN B 590 36.98 14.90 7.93
C GLN B 590 36.36 15.89 8.90
N GLU B 591 35.41 16.73 8.46
CA GLU B 591 34.71 17.59 9.41
C GLU B 591 33.70 16.81 10.24
N MET B 592 33.39 15.59 9.85
CA MET B 592 32.28 14.86 10.41
C MET B 592 32.74 14.00 11.58
N GLU B 593 31.93 13.96 12.64
CA GLU B 593 32.35 13.38 13.92
C GLU B 593 32.67 11.90 13.75
N HIS B 594 33.67 11.42 14.50
CA HIS B 594 34.18 10.05 14.48
C HIS B 594 34.79 9.66 13.14
N GLY B 595 34.91 10.59 12.19
CA GLY B 595 35.49 10.26 10.91
C GLY B 595 34.61 9.41 10.01
N ILE B 596 35.09 8.20 9.69
CA ILE B 596 34.48 7.38 8.65
C ILE B 596 33.39 6.47 9.19
N TYR B 597 33.07 6.56 10.47
CA TYR B 597 32.14 5.61 11.09
C TYR B 597 30.73 6.16 11.22
N THR B 598 30.44 7.29 10.58
CA THR B 598 29.11 7.88 10.67
C THR B 598 28.14 7.17 9.74
N ASP B 599 26.84 7.29 10.05
CA ASP B 599 25.82 6.70 9.20
C ASP B 599 25.43 7.66 8.10
N VAL B 600 25.56 7.21 6.85
CA VAL B 600 25.10 7.99 5.71
C VAL B 600 23.57 7.92 5.65
N GLY B 601 22.95 9.03 5.28
CA GLY B 601 21.51 9.06 5.17
C GLY B 601 20.99 8.06 4.16
N GLU B 602 19.70 7.77 4.26
CA GLU B 602 19.08 6.75 3.42
C GLU B 602 19.30 7.04 1.95
N LYS B 603 19.99 6.12 1.27
CA LYS B 603 20.35 6.25 -0.14
C LYS B 603 21.07 7.57 -0.40
N GLY B 604 21.96 7.95 0.51
CA GLY B 604 22.70 9.19 0.38
C GLY B 604 21.85 10.45 0.40
N SER B 605 20.83 10.52 1.26
CA SER B 605 19.93 11.66 1.28
C SER B 605 20.59 12.95 1.73
N GLN B 606 21.53 12.89 2.67
CA GLN B 606 22.14 14.10 3.21
C GLN B 606 23.30 14.63 2.38
N LEU B 607 23.77 13.86 1.39
CA LEU B 607 24.90 14.30 0.58
C LEU B 607 24.42 15.11 -0.62
N ALA B 608 25.26 16.06 -1.04
CA ALA B 608 24.97 16.87 -2.21
C ALA B 608 25.34 16.14 -3.49
N ALA B 609 24.90 16.68 -4.62
CA ALA B 609 25.14 16.04 -5.91
C ALA B 609 26.64 15.97 -6.21
N GLY B 610 27.36 17.06 -5.98
CA GLY B 610 28.80 17.04 -6.17
C GLY B 610 29.52 16.15 -5.17
N GLN B 611 29.03 16.11 -3.94
CA GLN B 611 29.65 15.29 -2.91
C GLN B 611 29.55 13.81 -3.23
N LYS B 612 28.39 13.39 -3.75
CA LYS B 612 28.20 11.98 -4.09
C LYS B 612 29.15 11.55 -5.20
N GLN B 613 29.43 12.45 -6.14
CA GLN B 613 30.34 12.12 -7.24
C GLN B 613 31.73 11.79 -6.71
N ARG B 614 32.25 12.60 -5.80
CA ARG B 614 33.60 12.38 -5.29
C ARG B 614 33.67 11.20 -4.34
N LEU B 615 32.53 10.83 -3.73
CA LEU B 615 32.51 9.63 -2.90
C LEU B 615 32.50 8.37 -3.77
N ALA B 616 31.77 8.41 -4.89
CA ALA B 616 31.73 7.27 -5.78
C ALA B 616 33.08 7.01 -6.44
N ILE B 617 33.83 8.08 -6.74
CA ILE B 617 35.17 7.91 -7.31
C ILE B 617 36.07 7.20 -6.31
N ALA B 618 36.03 7.60 -5.04
CA ALA B 618 36.89 6.99 -4.04
C ALA B 618 36.56 5.52 -3.85
N ARG B 619 35.35 5.11 -4.22
CA ARG B 619 34.98 3.70 -4.14
C ARG B 619 35.71 2.86 -5.17
N ALA B 620 36.29 3.51 -6.19
CA ALA B 620 36.96 2.77 -7.26
C ALA B 620 38.43 2.55 -6.97
N LEU B 621 39.18 3.62 -6.67
CA LEU B 621 40.61 3.49 -6.47
C LEU B 621 40.96 2.77 -5.17
N VAL B 622 39.99 2.53 -4.28
CA VAL B 622 40.25 1.71 -3.12
C VAL B 622 40.50 0.26 -3.54
N ARG B 623 40.00 -0.12 -4.71
CA ARG B 623 40.13 -1.48 -5.22
C ARG B 623 41.37 -1.70 -6.07
N ASP B 624 42.11 -0.63 -6.39
CA ASP B 624 43.29 -0.69 -7.23
C ASP B 624 42.99 -1.35 -8.58
N PRO B 625 42.19 -0.71 -9.44
CA PRO B 625 41.77 -1.36 -10.68
C PRO B 625 42.87 -1.37 -11.73
N ARG B 626 42.73 -2.32 -12.66
CA ARG B 626 43.60 -2.38 -13.83
C ARG B 626 42.96 -1.75 -15.06
N VAL B 627 41.62 -1.76 -15.15
CA VAL B 627 40.89 -1.08 -16.21
C VAL B 627 39.87 -0.17 -15.54
N LEU B 628 39.82 1.09 -15.98
CA LEU B 628 38.95 2.08 -15.37
C LEU B 628 38.04 2.68 -16.42
N ILE B 629 36.76 2.85 -16.07
CA ILE B 629 35.75 3.42 -16.97
C ILE B 629 35.06 4.56 -16.22
N LEU B 630 34.99 5.73 -16.86
CA LEU B 630 34.37 6.91 -16.28
C LEU B 630 33.17 7.31 -17.13
N ASP B 631 32.00 7.42 -16.49
CA ASP B 631 30.77 7.85 -17.17
C ASP B 631 30.51 9.34 -16.96
N GLU B 632 31.36 10.15 -17.60
CA GLU B 632 31.25 11.61 -17.57
C GLU B 632 31.25 12.14 -16.13
N ALA B 633 32.21 11.66 -15.33
CA ALA B 633 32.32 12.14 -13.96
C ALA B 633 32.69 13.61 -13.89
N THR B 634 33.42 14.12 -14.89
CA THR B 634 33.83 15.51 -14.93
C THR B 634 32.65 16.47 -15.13
N SER B 635 31.47 15.97 -15.49
CA SER B 635 30.30 16.83 -15.64
C SER B 635 29.88 17.47 -14.33
N ALA B 636 30.14 16.82 -13.19
CA ALA B 636 29.81 17.39 -11.90
C ALA B 636 31.08 17.59 -11.07
N LEU B 637 32.05 16.69 -11.22
CA LEU B 637 33.31 16.82 -10.51
C LEU B 637 34.21 17.83 -11.20
N ASP B 638 35.26 18.24 -10.49
CA ASP B 638 36.21 19.21 -11.03
C ASP B 638 36.98 18.61 -12.21
N VAL B 639 37.23 19.43 -13.22
CA VAL B 639 38.01 18.98 -14.37
C VAL B 639 39.43 18.63 -13.96
N GLN B 640 40.04 19.44 -13.10
CA GLN B 640 41.37 19.13 -12.60
C GLN B 640 41.37 17.84 -11.79
N CYS B 641 40.30 17.59 -11.03
CA CYS B 641 40.16 16.33 -10.31
C CYS B 641 40.09 15.16 -11.29
N GLU B 642 39.37 15.33 -12.40
CA GLU B 642 39.31 14.29 -13.41
C GLU B 642 40.69 14.03 -14.01
N GLN B 643 41.47 15.09 -14.26
CA GLN B 643 42.81 14.92 -14.80
C GLN B 643 43.70 14.17 -13.81
N ALA B 644 43.60 14.50 -12.52
CA ALA B 644 44.37 13.79 -11.51
C ALA B 644 43.95 12.32 -11.42
N LEU B 645 42.64 12.06 -11.49
CA LEU B 645 42.16 10.69 -11.48
C LEU B 645 42.59 9.95 -12.75
N GLN B 646 42.70 10.66 -13.87
CA GLN B 646 43.10 10.07 -15.13
C GLN B 646 44.62 10.03 -15.32
N ASP B 647 45.40 10.47 -14.33
CA ASP B 647 46.85 10.45 -14.45
C ASP B 647 47.56 9.89 -13.23
N TRP B 648 46.85 9.44 -12.19
CA TRP B 648 47.49 8.95 -10.98
C TRP B 648 48.01 7.54 -11.19
N ASN B 649 48.44 6.91 -10.08
CA ASN B 649 48.95 5.55 -10.14
C ASN B 649 47.91 4.56 -10.65
N SER B 650 46.64 4.80 -10.34
CA SER B 650 45.55 3.99 -10.86
C SER B 650 45.29 4.24 -12.33
N ARG B 651 45.94 5.24 -12.93
CA ARG B 651 45.76 5.55 -14.34
C ARG B 651 47.06 5.78 -15.09
N GLY B 652 48.22 5.70 -14.42
CA GLY B 652 49.49 5.89 -15.09
C GLY B 652 49.80 4.81 -16.11
N ASP B 653 49.56 3.55 -15.74
CA ASP B 653 49.75 2.44 -16.67
C ASP B 653 48.53 1.52 -16.73
N ARG B 654 47.38 1.96 -16.23
CA ARG B 654 46.15 1.19 -16.29
C ARG B 654 45.24 1.80 -17.34
N THR B 655 44.60 0.93 -18.14
CA THR B 655 43.74 1.42 -19.21
C THR B 655 42.60 2.25 -18.65
N VAL B 656 42.40 3.44 -19.24
CA VAL B 656 41.34 4.36 -18.83
C VAL B 656 40.47 4.67 -20.03
N LEU B 657 39.16 4.50 -19.87
CA LEU B 657 38.19 4.84 -20.90
C LEU B 657 37.21 5.83 -20.29
N VAL B 658 37.13 7.03 -20.86
CA VAL B 658 36.30 8.10 -20.34
C VAL B 658 35.24 8.44 -21.38
N ILE B 659 34.03 8.71 -20.90
CA ILE B 659 32.90 9.08 -21.75
C ILE B 659 32.61 10.56 -21.54
N ALA B 660 32.56 11.31 -22.64
CA ALA B 660 32.37 12.75 -22.55
C ALA B 660 31.23 13.18 -23.46
N HIS B 661 30.44 14.14 -22.98
CA HIS B 661 29.37 14.74 -23.77
C HIS B 661 29.81 15.98 -24.53
N ARG B 662 31.09 16.33 -24.44
CA ARG B 662 31.62 17.51 -25.12
C ARG B 662 33.07 17.24 -25.48
N LEU B 663 33.72 18.27 -26.04
CA LEU B 663 35.12 18.15 -26.44
C LEU B 663 36.09 18.34 -25.29
N GLN B 664 35.62 18.30 -24.04
CA GLN B 664 36.50 18.50 -22.90
C GLN B 664 37.51 17.37 -22.74
N THR B 665 37.15 16.16 -23.20
CA THR B 665 38.08 15.03 -23.06
C THR B 665 39.25 15.16 -24.02
N VAL B 666 39.17 16.06 -25.01
CA VAL B 666 40.20 16.16 -26.02
C VAL B 666 41.52 16.65 -25.46
N GLN B 667 41.50 17.33 -24.32
CA GLN B 667 42.73 17.89 -23.76
C GLN B 667 43.70 16.82 -23.28
N ARG B 668 43.26 15.58 -23.10
CA ARG B 668 44.17 14.51 -22.68
C ARG B 668 44.01 13.22 -23.46
N ALA B 669 42.97 13.05 -24.28
CA ALA B 669 42.71 11.77 -24.92
C ALA B 669 43.83 11.43 -25.91
N HIS B 670 44.33 10.19 -25.81
CA HIS B 670 45.35 9.72 -26.73
C HIS B 670 44.73 9.08 -27.97
N GLN B 671 43.47 8.66 -27.88
CA GLN B 671 42.76 8.06 -29.01
C GLN B 671 41.28 8.40 -28.87
N ILE B 672 40.85 9.49 -29.50
CA ILE B 672 39.46 9.92 -29.47
C ILE B 672 38.70 9.13 -30.52
N LEU B 673 37.49 8.69 -30.17
CA LEU B 673 36.68 7.84 -31.05
C LEU B 673 35.23 8.27 -30.95
N VAL B 674 34.66 8.68 -32.10
CA VAL B 674 33.25 9.05 -32.14
C VAL B 674 32.45 7.89 -32.74
N LEU B 675 31.23 7.70 -32.25
CA LEU B 675 30.34 6.71 -32.81
C LEU B 675 28.92 7.25 -32.85
N GLN B 676 28.27 7.06 -34.00
CA GLN B 676 26.90 7.52 -34.20
C GLN B 676 26.12 6.41 -34.89
N GLU B 677 24.80 6.43 -34.68
CA GLU B 677 23.86 5.44 -35.24
C GLU B 677 24.37 4.00 -35.06
N GLY B 678 25.16 3.77 -34.02
CA GLY B 678 25.72 2.45 -33.78
C GLY B 678 26.97 2.13 -34.57
N LYS B 679 27.50 3.09 -35.32
CA LYS B 679 28.69 2.87 -36.14
C LYS B 679 29.76 3.89 -35.77
N LEU B 680 30.99 3.41 -35.60
CA LEU B 680 32.09 4.28 -35.23
C LEU B 680 32.42 5.26 -36.36
N GLN B 681 32.94 6.41 -35.98
CA GLN B 681 33.31 7.45 -36.95
C GLN B 681 34.49 7.00 -37.80
N ARG C 1 -25.68 -6.66 14.80
CA ARG C 1 -24.67 -7.68 14.58
C ARG C 1 -23.93 -8.04 15.86
N ARG C 2 -23.26 -9.18 15.83
CA ARG C 2 -22.61 -9.74 17.02
C ARG C 2 -21.11 -9.91 16.77
N TYR C 3 -20.36 -9.89 17.87
CA TYR C 3 -18.91 -9.97 17.80
C TYR C 3 -18.47 -11.34 17.26
N GLN C 4 -17.45 -11.33 16.42
CA GLN C 4 -16.90 -12.53 15.83
C GLN C 4 -15.50 -12.77 16.40
N LYS C 5 -15.29 -13.96 16.96
CA LYS C 5 -14.02 -14.30 17.60
C LYS C 5 -13.02 -14.81 16.57
N SER C 6 -11.77 -14.37 16.71
CA SER C 6 -10.71 -14.86 15.85
C SER C 6 -10.43 -16.33 16.14
N THR C 7 -10.13 -17.09 15.09
CA THR C 7 -9.86 -18.51 15.24
C THR C 7 -8.62 -18.73 16.10
N GLU C 8 -8.70 -19.61 17.07
CA GLU C 8 -7.53 -19.87 17.97
C GLU C 8 -6.47 -20.68 17.22
N LEU C 9 -5.22 -20.27 17.29
CA LEU C 9 -4.11 -20.96 16.57
C LEU C 9 -3.96 -22.38 17.12
#